data_9JEQ
#
_entry.id   9JEQ
#
loop_
_entity.id
_entity.type
_entity.pdbx_description
1 polymer 'Guanine nucleotide-binding protein G(I)/G(S)/G(T) subunit beta-1'
2 polymer 'Guanine nucleotide-binding protein G(I)/G(S)/G(O) subunit gamma-2'
3 polymer 'Guanine nucleotide-binding protein G(i) subunit alpha-1'
4 polymer 'Histamine H3 receptor'
5 polymer ScFv16
6 non-polymer HISTAMINE
#
loop_
_entity_poly.entity_id
_entity_poly.type
_entity_poly.pdbx_seq_one_letter_code
_entity_poly.pdbx_strand_id
1 'polypeptide(L)'
;SELDQLRQEAEQLKNQIRDARKACADATLSQITNNIDPVGRIQMRTRRTLRGHLAKIYAMHWGTDSRLLVSASQDGKLII
WDSYTTNKVHAIPLRSSWVMTCAYAPSGNYVACGGLDNICSIYNLKTREGNVRVSRELAGHTGYLSCCRFLDDNQIVTSS
GDTTCALWDIETGQQTTTFTGHTGDVMSLSLAPDTRLFVSGACDASAKLWDVREGMCRQTFTGHESDINAICFFPNGNAF
ATGSDDATCRLFDLRADQELMTYSHDNIICGITSVSFSKSGRLLLAGYDDFNCNVWDALKADRAGVLAGHDNRVSCLGVT
DDGMAVATGSWDSFLKIWN
;
B
2 'polypeptide(L)' NTASIAQARKLVEQLKMEANIDRIKVSKAAADLMAYCEAHAKEDPLLTPVPASENPFR G
3 'polypeptide(L)'
;CTLSAEDKAAVERSKMIDRNLREDGEKAAREVKLLLLGAGESGKNTIVKQMKIIHEAGYSEEECKQYKAVVYSNTIQSII
AIIRAMGRLKIDFGDSARADDARQLFVLAGAAEEGFMTAELAGVIKRLWKDSGVQACFNRSREYQLNDSAAYYLNDLDRI
AQPNYIPTQQDVLRTRVKTTGIVETHFTFKDLHFKMFDVGAQRSERKKWIHCFEGVTAIIFCVALSDYDLVLAEDEEMNR
MHASMKLFDSICNNKWFTDTSIILFLNKKDLFEEKIKKSPLTICYPEYAGSNTYEEAAAYIQCQFEDLNKRKDTKEIYTH
FTCSTDTKNVQFVFDAVTDVIIKNNLKDCGLF
;
A
4 'polypeptide(L)'
;MERAPPDGPLNASGALAGEAAAAGGARGFSAAWTAVLAALMALLIVATVLGNALVMLAFVADSSLRTQNNFFLLNLAISD
FLVGAFCIPLYVPYVLTGRWTFGRGLCKLWLVVDYLLCTSSAFNIVLISYDRFLSVTRAVSYRAQNGDTRRAVRKMLLVW
VLAFLLYGPAILSWEYLSGGSSIPEGHCYAEFFYNWYFLITASTLEFFTPFLSVTFFNLSIYLNIQRRTRLRLDGAREAA
GPEPPPEAQPSPPPPPGCWGCWQKGHGEAMPLHRYGVGEAAVGAEAGEATLGGGGGGGSVASPTSSSGSSSRGTERPRSL
KRGSKPSASSASLEKRMKMVSQSFTQRFRLSRDRKVAKSLAVIVSIFGLCWAPYTLLMIIRAACHGHCVPDYWYETSFWL
LWANSAVNPVLYPLCHHSFRRAFTKLLCPQKLKIQPHSSLEHCWK
;
R
5 'polypeptide(L)'
;DVQLVESGGGLVQPGGSRKLSCSASGFAFSSFGMHWVRQAPEKGLEWVAYISSGSGTIYYADTVKGRFTISRDDPKNTLF
LQMTSLRSEDTAMYYCVRSIYYYGSSPFDFWGQGTTLTVSSGGGGSGGGGSGGGGSDIVMTQATSSVPVTPGESVSISCR
SSKSLLHSNGNTYLYWFLQRPGQSPQLLIYRMSNLASGVPDRFSGSGSGTAFTLTISRLEAEDVGVYYCMQHLEYPLTFG
AGTKLELKAAA
;
S
#
# COMPACT_ATOMS: atom_id res chain seq x y z
N SER A 1 2.51 56.49 -9.62
CA SER A 1 3.58 57.10 -10.39
C SER A 1 4.83 56.21 -10.39
N GLU A 2 5.40 56.00 -9.21
CA GLU A 2 6.59 55.15 -9.11
C GLU A 2 6.23 53.69 -9.39
N LEU A 3 5.08 53.23 -8.89
CA LEU A 3 4.64 51.87 -9.16
C LEU A 3 4.43 51.64 -10.64
N ASP A 4 3.77 52.59 -11.32
CA ASP A 4 3.56 52.46 -12.75
C ASP A 4 4.88 52.51 -13.52
N GLN A 5 5.82 53.34 -13.06
CA GLN A 5 7.14 53.41 -13.68
C GLN A 5 7.86 52.07 -13.58
N LEU A 6 7.89 51.49 -12.38
CA LEU A 6 8.57 50.20 -12.21
C LEU A 6 7.86 49.10 -13.00
N ARG A 7 6.53 49.15 -13.06
CA ARG A 7 5.80 48.14 -13.81
C ARG A 7 6.07 48.25 -15.31
N GLN A 8 6.14 49.47 -15.84
CA GLN A 8 6.42 49.62 -17.27
C GLN A 8 7.86 49.27 -17.58
N GLU A 9 8.79 49.53 -16.65
CA GLU A 9 10.17 49.08 -16.85
C GLU A 9 10.26 47.56 -16.87
N ALA A 10 9.56 46.90 -15.94
CA ALA A 10 9.55 45.44 -15.95
C ALA A 10 8.90 44.90 -17.21
N GLU A 11 7.85 45.57 -17.70
CA GLU A 11 7.20 45.13 -18.93
C GLU A 11 8.12 45.31 -20.13
N GLN A 12 8.89 46.40 -20.17
CA GLN A 12 9.86 46.59 -21.23
C GLN A 12 10.95 45.51 -21.19
N LEU A 13 11.41 45.16 -19.99
CA LEU A 13 12.40 44.10 -19.87
C LEU A 13 11.83 42.76 -20.33
N LYS A 14 10.57 42.46 -19.96
CA LYS A 14 9.94 41.22 -20.39
C LYS A 14 9.76 41.20 -21.91
N ASN A 15 9.42 42.33 -22.51
CA ASN A 15 9.28 42.38 -23.96
C ASN A 15 10.62 42.19 -24.65
N GLN A 16 11.68 42.77 -24.10
CA GLN A 16 13.02 42.55 -24.66
C GLN A 16 13.42 41.09 -24.56
N ILE A 17 13.15 40.45 -23.42
CA ILE A 17 13.47 39.03 -23.26
C ILE A 17 12.67 38.19 -24.25
N ARG A 18 11.38 38.51 -24.44
CA ARG A 18 10.55 37.76 -25.37
C ARG A 18 11.04 37.93 -26.80
N ASP A 19 11.46 39.14 -27.17
CA ASP A 19 11.99 39.36 -28.50
C ASP A 19 13.29 38.61 -28.72
N ALA A 20 14.16 38.58 -27.69
CA ALA A 20 15.41 37.83 -27.80
C ALA A 20 15.14 36.34 -27.92
N ARG A 21 14.10 35.85 -27.24
CA ARG A 21 13.74 34.44 -27.32
C ARG A 21 13.17 34.08 -28.70
N LYS A 22 12.28 34.93 -29.22
CA LYS A 22 11.62 34.62 -30.48
C LYS A 22 12.56 34.80 -31.67
N ALA A 23 13.42 35.82 -31.63
CA ALA A 23 14.31 36.08 -32.75
C ALA A 23 15.33 34.95 -32.92
N CYS A 24 15.74 34.33 -31.82
CA CYS A 24 16.70 33.23 -31.85
C CYS A 24 16.00 31.88 -32.00
N ALA A 25 15.17 31.75 -33.04
CA ALA A 25 14.43 30.54 -33.32
C ALA A 25 14.45 30.29 -34.82
N ASP A 26 15.27 29.32 -35.25
CA ASP A 26 15.36 29.02 -36.69
C ASP A 26 14.23 28.11 -37.12
N ALA A 27 13.99 27.02 -36.40
CA ALA A 27 12.95 26.07 -36.74
C ALA A 27 12.52 25.35 -35.46
N THR A 28 11.69 24.33 -35.61
CA THR A 28 11.17 23.56 -34.49
C THR A 28 11.79 22.17 -34.47
N LEU A 29 11.49 21.42 -33.41
CA LEU A 29 12.02 20.07 -33.27
C LEU A 29 11.43 19.12 -34.32
N SER A 30 10.21 19.39 -34.76
CA SER A 30 9.58 18.50 -35.75
C SER A 30 10.28 18.58 -37.10
N GLN A 31 10.73 19.77 -37.49
CA GLN A 31 11.41 19.91 -38.77
C GLN A 31 12.80 19.31 -38.74
N ILE A 32 13.48 19.40 -37.59
CA ILE A 32 14.82 18.82 -37.47
C ILE A 32 14.74 17.30 -37.44
N THR A 33 13.80 16.76 -36.66
CA THR A 33 13.63 15.31 -36.52
C THR A 33 12.57 14.75 -37.46
N ASN A 34 12.39 15.37 -38.63
CA ASN A 34 11.38 14.90 -39.57
C ASN A 34 11.80 13.58 -40.22
N ASN A 35 13.07 13.49 -40.64
CA ASN A 35 13.58 12.30 -41.30
C ASN A 35 13.95 11.19 -40.32
N ILE A 36 13.76 11.41 -39.02
CA ILE A 36 14.08 10.37 -38.04
C ILE A 36 13.03 9.27 -38.10
N ASP A 37 13.49 8.02 -38.12
CA ASP A 37 12.59 6.88 -38.18
C ASP A 37 11.83 6.74 -36.88
N PRO A 38 10.54 6.38 -36.94
CA PRO A 38 9.76 6.23 -35.70
C PRO A 38 10.23 5.04 -34.87
N VAL A 39 10.02 5.15 -33.56
CA VAL A 39 10.41 4.07 -32.66
C VAL A 39 9.55 2.85 -32.89
N GLY A 40 8.29 3.04 -33.22
CA GLY A 40 7.38 1.95 -33.44
C GLY A 40 6.53 1.68 -32.20
N ARG A 41 5.52 0.83 -32.36
CA ARG A 41 4.63 0.50 -31.26
C ARG A 41 5.39 -0.26 -30.17
N ILE A 42 5.48 0.35 -29.00
CA ILE A 42 6.19 -0.23 -27.86
C ILE A 42 5.18 -0.93 -26.97
N GLN A 43 5.47 -2.20 -26.64
CA GLN A 43 4.60 -3.00 -25.81
C GLN A 43 5.38 -3.54 -24.63
N MET A 44 4.97 -3.13 -23.42
CA MET A 44 5.60 -3.59 -22.19
C MET A 44 4.62 -4.48 -21.43
N ARG A 45 5.16 -5.27 -20.51
CA ARG A 45 4.36 -6.19 -19.73
C ARG A 45 4.91 -6.27 -18.31
N THR A 46 4.03 -6.51 -17.35
CA THR A 46 4.40 -6.52 -15.94
C THR A 46 5.32 -7.70 -15.66
N ARG A 47 6.57 -7.41 -15.32
CA ARG A 47 7.52 -8.45 -14.97
C ARG A 47 7.51 -8.79 -13.49
N ARG A 48 7.33 -7.78 -12.63
CA ARG A 48 7.29 -7.97 -11.19
C ARG A 48 6.09 -7.23 -10.62
N THR A 49 5.52 -7.79 -9.56
CA THR A 49 4.34 -7.21 -8.91
C THR A 49 4.57 -7.13 -7.41
N LEU A 50 4.65 -5.91 -6.91
CA LEU A 50 4.86 -5.66 -5.48
C LEU A 50 3.54 -5.26 -4.84
N ARG A 51 3.19 -5.91 -3.73
CA ARG A 51 1.92 -5.67 -3.05
C ARG A 51 2.13 -5.56 -1.54
N GLY A 52 3.10 -4.74 -1.13
CA GLY A 52 3.39 -4.56 0.28
C GLY A 52 2.75 -3.34 0.92
N HIS A 53 2.25 -2.40 0.13
CA HIS A 53 1.64 -1.20 0.69
C HIS A 53 0.16 -1.43 0.95
N LEU A 54 -0.37 -0.72 1.97
CA LEU A 54 -1.76 -0.82 2.36
C LEU A 54 -2.54 0.46 2.09
N ALA A 55 -1.88 1.49 1.55
CA ALA A 55 -2.52 2.77 1.29
C ALA A 55 -2.04 3.31 -0.04
N LYS A 56 -2.48 4.53 -0.36
CA LYS A 56 -2.11 5.16 -1.62
C LYS A 56 -0.61 5.47 -1.64
N ILE A 57 -0.01 5.28 -2.80
CA ILE A 57 1.42 5.50 -3.00
C ILE A 57 1.60 6.81 -3.76
N TYR A 58 2.46 7.69 -3.25
CA TYR A 58 2.68 9.00 -3.85
C TYR A 58 4.05 9.18 -4.46
N ALA A 59 5.06 8.42 -4.01
CA ALA A 59 6.41 8.61 -4.50
C ALA A 59 7.11 7.27 -4.63
N MET A 60 8.13 7.24 -5.48
CA MET A 60 8.94 6.06 -5.72
C MET A 60 10.22 6.48 -6.40
N HIS A 61 11.36 6.10 -5.84
CA HIS A 61 12.67 6.49 -6.36
C HIS A 61 13.58 5.27 -6.41
N TRP A 62 14.38 5.20 -7.47
CA TRP A 62 15.31 4.11 -7.68
C TRP A 62 16.69 4.44 -7.12
N GLY A 63 17.46 3.40 -6.83
CA GLY A 63 18.83 3.58 -6.38
C GLY A 63 19.82 3.46 -7.52
N THR A 64 21.09 3.70 -7.18
CA THR A 64 22.16 3.66 -8.17
C THR A 64 22.62 2.24 -8.49
N ASP A 65 22.11 1.23 -7.77
CA ASP A 65 22.46 -0.15 -8.04
C ASP A 65 21.48 -0.85 -8.99
N SER A 66 20.40 -0.16 -9.38
CA SER A 66 19.38 -0.65 -10.31
C SER A 66 18.61 -1.85 -9.76
N ARG A 67 18.78 -2.18 -8.48
CA ARG A 67 18.08 -3.30 -7.87
C ARG A 67 17.24 -2.92 -6.67
N LEU A 68 17.55 -1.81 -5.99
CA LEU A 68 16.83 -1.37 -4.82
C LEU A 68 16.04 -0.12 -5.14
N LEU A 69 14.82 -0.03 -4.60
CA LEU A 69 13.96 1.13 -4.81
C LEU A 69 13.18 1.39 -3.53
N VAL A 70 12.90 2.67 -3.27
CA VAL A 70 12.16 3.09 -2.09
C VAL A 70 10.81 3.65 -2.55
N SER A 71 9.79 3.44 -1.72
CA SER A 71 8.45 3.89 -2.03
C SER A 71 7.80 4.44 -0.77
N ALA A 72 7.04 5.51 -0.92
CA ALA A 72 6.35 6.17 0.18
C ALA A 72 4.85 6.05 -0.01
N SER A 73 4.14 5.79 1.08
CA SER A 73 2.69 5.63 1.04
C SER A 73 2.07 6.28 2.27
N GLN A 74 0.76 6.45 2.22
CA GLN A 74 0.02 7.12 3.29
C GLN A 74 -0.15 6.26 4.53
N ASP A 75 0.28 5.00 4.49
CA ASP A 75 0.17 4.14 5.68
C ASP A 75 1.18 4.51 6.76
N GLY A 76 2.28 5.16 6.39
CA GLY A 76 3.27 5.61 7.36
C GLY A 76 4.53 4.76 7.43
N LYS A 77 4.92 4.09 6.35
CA LYS A 77 6.12 3.27 6.33
C LYS A 77 6.87 3.47 5.03
N LEU A 78 8.20 3.39 5.13
CA LEU A 78 9.08 3.40 3.96
C LEU A 78 9.64 2.00 3.76
N ILE A 79 9.49 1.48 2.55
CA ILE A 79 9.85 0.11 2.24
C ILE A 79 10.93 0.10 1.17
N ILE A 80 12.01 -0.63 1.43
CA ILE A 80 13.06 -0.87 0.44
C ILE A 80 12.72 -2.18 -0.27
N TRP A 81 12.73 -2.14 -1.60
CA TRP A 81 12.28 -3.26 -2.41
C TRP A 81 13.44 -3.85 -3.18
N ASP A 82 13.34 -5.16 -3.44
CA ASP A 82 14.28 -5.87 -4.29
C ASP A 82 13.57 -6.16 -5.62
N SER A 83 14.02 -5.51 -6.69
CA SER A 83 13.33 -5.59 -7.97
C SER A 83 13.51 -6.94 -8.65
N TYR A 84 14.54 -7.71 -8.29
CA TYR A 84 14.80 -8.97 -8.96
C TYR A 84 14.18 -10.17 -8.27
N THR A 85 13.86 -10.06 -6.97
CA THR A 85 13.31 -11.18 -6.22
C THR A 85 12.03 -10.83 -5.47
N THR A 86 11.54 -9.61 -5.61
CA THR A 86 10.32 -9.14 -4.94
C THR A 86 10.40 -9.38 -3.44
N ASN A 87 11.46 -8.85 -2.83
CA ASN A 87 11.69 -8.96 -1.40
C ASN A 87 11.85 -7.58 -0.80
N LYS A 88 11.55 -7.49 0.50
CA LYS A 88 11.67 -6.24 1.25
C LYS A 88 12.95 -6.27 2.07
N VAL A 89 13.77 -5.24 1.92
CA VAL A 89 15.05 -5.19 2.61
C VAL A 89 14.93 -4.52 3.98
N HIS A 90 14.20 -3.41 4.05
CA HIS A 90 14.05 -2.69 5.31
C HIS A 90 12.65 -2.09 5.38
N ALA A 91 12.15 -1.98 6.61
CA ALA A 91 10.86 -1.35 6.89
C ALA A 91 11.09 -0.18 7.84
N ILE A 92 10.81 1.03 7.36
CA ILE A 92 11.08 2.25 8.10
C ILE A 92 9.75 2.83 8.56
N PRO A 93 9.37 2.67 9.84
CA PRO A 93 8.14 3.30 10.34
C PRO A 93 8.30 4.82 10.36
N LEU A 94 7.37 5.51 9.73
CA LEU A 94 7.40 6.97 9.63
C LEU A 94 6.59 7.60 10.75
N ARG A 95 7.06 8.76 11.21
CA ARG A 95 6.35 9.48 12.26
C ARG A 95 5.10 10.18 11.72
N SER A 96 5.21 10.77 10.54
CA SER A 96 4.09 11.44 9.89
C SER A 96 3.48 10.51 8.85
N SER A 97 2.17 10.31 8.93
CA SER A 97 1.48 9.41 8.02
C SER A 97 1.32 10.01 6.62
N TRP A 98 1.53 11.31 6.45
CA TRP A 98 1.39 11.97 5.15
C TRP A 98 2.77 12.21 4.58
N VAL A 99 3.10 11.51 3.49
CA VAL A 99 4.37 11.68 2.79
C VAL A 99 4.05 11.76 1.30
N MET A 100 4.70 12.70 0.62
CA MET A 100 4.48 12.93 -0.81
C MET A 100 5.76 12.84 -1.63
N THR A 101 6.90 12.56 -1.01
CA THR A 101 8.16 12.47 -1.73
C THR A 101 9.11 11.56 -0.98
N CYS A 102 9.96 10.88 -1.74
CA CYS A 102 11.00 10.01 -1.18
C CYS A 102 12.24 10.12 -2.05
N ALA A 103 13.40 9.90 -1.44
CA ALA A 103 14.68 10.00 -2.14
C ALA A 103 15.58 8.86 -1.71
N TYR A 104 16.58 8.58 -2.54
CA TYR A 104 17.56 7.54 -2.28
C TYR A 104 18.95 8.12 -2.51
N ALA A 105 19.83 7.94 -1.54
CA ALA A 105 21.17 8.50 -1.63
C ALA A 105 21.94 7.86 -2.78
N PRO A 106 22.82 8.62 -3.45
CA PRO A 106 23.61 8.04 -4.54
C PRO A 106 24.54 6.93 -4.09
N SER A 107 25.06 7.01 -2.86
CA SER A 107 25.86 5.92 -2.33
C SER A 107 24.99 4.74 -1.92
N GLY A 108 23.75 5.01 -1.52
CA GLY A 108 22.82 3.99 -1.11
C GLY A 108 22.69 3.77 0.39
N ASN A 109 23.02 4.77 1.21
CA ASN A 109 22.99 4.62 2.65
C ASN A 109 21.95 5.50 3.34
N TYR A 110 21.31 6.41 2.61
CA TYR A 110 20.37 7.36 3.22
C TYR A 110 19.11 7.45 2.38
N VAL A 111 17.99 7.68 3.08
CA VAL A 111 16.68 7.86 2.46
C VAL A 111 15.96 8.96 3.21
N ALA A 112 15.42 9.93 2.46
CA ALA A 112 14.74 11.09 3.04
C ALA A 112 13.33 11.18 2.46
N CYS A 113 12.35 11.45 3.33
CA CYS A 113 10.97 11.62 2.92
C CYS A 113 10.45 12.97 3.41
N GLY A 114 9.48 13.52 2.71
CA GLY A 114 8.87 14.79 3.09
C GLY A 114 7.49 14.61 3.66
N GLY A 115 6.58 15.53 3.34
CA GLY A 115 5.21 15.40 3.79
C GLY A 115 4.60 16.74 4.09
N LEU A 116 3.47 16.69 4.78
CA LEU A 116 2.71 17.88 5.17
C LEU A 116 3.15 18.45 6.50
N ASP A 117 4.12 17.82 7.16
CA ASP A 117 4.54 18.28 8.48
C ASP A 117 5.67 19.28 8.37
N ASN A 118 6.05 19.68 7.16
CA ASN A 118 7.16 20.62 6.92
C ASN A 118 8.50 20.15 7.47
N ILE A 119 8.69 18.84 7.55
CA ILE A 119 9.92 18.30 8.13
C ILE A 119 10.51 17.22 7.24
N CYS A 120 11.78 17.35 6.91
CA CYS A 120 12.47 16.35 6.10
C CYS A 120 13.34 15.51 7.03
N SER A 121 13.02 14.22 7.13
CA SER A 121 13.71 13.30 8.03
C SER A 121 14.75 12.50 7.25
N ILE A 122 15.98 12.51 7.74
CA ILE A 122 17.08 11.77 7.14
C ILE A 122 17.20 10.44 7.86
N TYR A 123 17.08 9.34 7.12
CA TYR A 123 17.17 8.01 7.66
C TYR A 123 18.46 7.33 7.20
N ASN A 124 19.14 6.65 8.12
CA ASN A 124 20.40 5.99 7.85
C ASN A 124 20.12 4.49 7.68
N LEU A 125 20.30 3.99 6.45
CA LEU A 125 20.06 2.59 6.18
C LEU A 125 21.19 1.71 6.68
N LYS A 126 22.42 2.19 6.59
CA LYS A 126 23.61 1.42 6.99
C LYS A 126 23.97 1.81 8.42
N THR A 127 23.51 1.01 9.38
CA THR A 127 23.79 1.23 10.79
C THR A 127 24.46 -0.01 11.36
N ARG A 128 25.15 0.18 12.49
CA ARG A 128 25.84 -0.90 13.18
C ARG A 128 24.96 -1.55 14.24
N GLU A 129 23.66 -1.24 14.25
CA GLU A 129 22.74 -1.82 15.21
C GLU A 129 21.60 -2.59 14.54
N GLY A 130 21.59 -2.65 13.21
CA GLY A 130 20.56 -3.38 12.49
C GLY A 130 19.18 -2.78 12.60
N ASN A 131 19.07 -1.46 12.46
CA ASN A 131 17.79 -0.77 12.52
C ASN A 131 17.94 0.61 11.91
N VAL A 132 16.93 1.03 11.14
CA VAL A 132 16.93 2.34 10.54
C VAL A 132 16.62 3.39 11.59
N ARG A 133 17.47 4.42 11.68
CA ARG A 133 17.32 5.47 12.67
C ARG A 133 17.31 6.82 11.99
N VAL A 134 16.67 7.78 12.63
CA VAL A 134 16.56 9.14 12.11
C VAL A 134 17.89 9.86 12.33
N SER A 135 18.47 10.39 11.25
CA SER A 135 19.75 11.08 11.36
C SER A 135 19.56 12.55 11.71
N ARG A 136 18.73 13.26 10.95
CA ARG A 136 18.51 14.68 11.18
C ARG A 136 17.19 15.10 10.55
N GLU A 137 16.44 15.93 11.25
CA GLU A 137 15.16 16.45 10.78
C GLU A 137 15.32 17.92 10.43
N LEU A 138 14.83 18.29 9.24
CA LEU A 138 14.94 19.66 8.74
C LEU A 138 13.59 20.33 8.81
N ALA A 139 13.42 21.24 9.76
CA ALA A 139 12.15 21.92 9.98
C ALA A 139 12.22 23.42 9.72
N GLY A 140 13.13 23.87 8.87
CA GLY A 140 13.27 25.28 8.59
C GLY A 140 12.38 25.79 7.48
N HIS A 141 11.25 25.10 7.25
CA HIS A 141 10.31 25.48 6.21
C HIS A 141 8.94 25.75 6.82
N THR A 142 8.17 26.60 6.13
CA THR A 142 6.83 26.97 6.56
C THR A 142 5.74 26.39 5.67
N GLY A 143 6.08 25.42 4.81
CA GLY A 143 5.11 24.80 3.93
C GLY A 143 5.39 23.32 3.77
N TYR A 144 4.41 22.63 3.18
CA TYR A 144 4.55 21.20 2.97
C TYR A 144 5.66 20.92 1.97
N LEU A 145 6.50 19.93 2.30
CA LEU A 145 7.63 19.54 1.49
C LEU A 145 7.16 18.59 0.40
N SER A 146 7.33 18.99 -0.86
CA SER A 146 6.79 18.23 -1.98
C SER A 146 7.83 17.40 -2.72
N CYS A 147 9.11 17.75 -2.63
CA CYS A 147 10.13 17.01 -3.35
C CYS A 147 11.47 17.14 -2.62
N CYS A 148 12.30 16.12 -2.79
CA CYS A 148 13.63 16.10 -2.18
C CYS A 148 14.52 15.18 -2.99
N ARG A 149 15.72 15.64 -3.32
CA ARG A 149 16.68 14.89 -4.11
C ARG A 149 18.08 15.10 -3.54
N PHE A 150 18.80 14.00 -3.29
CA PHE A 150 20.13 14.08 -2.66
C PHE A 150 21.28 14.50 -3.56
N LEU A 151 21.84 15.69 -3.34
CA LEU A 151 23.03 16.08 -4.10
C LEU A 151 24.18 15.14 -3.76
N ASP A 152 24.34 14.82 -2.48
CA ASP A 152 25.40 13.91 -2.02
C ASP A 152 25.01 13.44 -0.61
N ASP A 153 25.92 12.87 0.15
CA ASP A 153 25.49 12.38 1.47
C ASP A 153 25.19 13.49 2.47
N ASN A 154 25.94 14.59 2.43
CA ASN A 154 25.73 15.69 3.37
C ASN A 154 24.84 16.84 2.85
N GLN A 155 24.62 16.93 1.54
CA GLN A 155 23.85 18.03 0.97
C GLN A 155 22.65 17.47 0.22
N ILE A 156 21.46 17.98 0.54
CA ILE A 156 20.22 17.58 -0.10
C ILE A 156 19.38 18.82 -0.38
N VAL A 157 18.84 18.91 -1.60
CA VAL A 157 17.94 19.99 -1.98
C VAL A 157 16.51 19.54 -1.77
N THR A 158 15.74 20.35 -1.05
CA THR A 158 14.35 20.03 -0.73
C THR A 158 13.48 21.22 -1.10
N SER A 159 12.51 20.99 -1.98
CA SER A 159 11.53 22.01 -2.34
C SER A 159 10.24 21.76 -1.56
N SER A 160 9.62 22.83 -1.11
CA SER A 160 8.43 22.76 -0.29
C SER A 160 7.30 23.56 -0.92
N GLY A 161 6.12 23.49 -0.29
CA GLY A 161 4.96 24.22 -0.76
C GLY A 161 5.12 25.73 -0.69
N ASP A 162 6.05 26.21 0.12
CA ASP A 162 6.34 27.63 0.16
C ASP A 162 7.17 28.03 -1.07
N THR A 163 7.15 29.32 -1.38
CA THR A 163 7.86 29.83 -2.54
C THR A 163 9.38 29.78 -2.38
N THR A 164 9.88 29.38 -1.21
CA THR A 164 11.31 29.37 -0.95
C THR A 164 11.85 27.94 -0.99
N CYS A 165 12.82 27.70 -1.86
CA CYS A 165 13.57 26.44 -1.85
C CYS A 165 14.79 26.58 -0.96
N ALA A 166 15.45 25.45 -0.69
CA ALA A 166 16.56 25.48 0.27
C ALA A 166 17.57 24.41 -0.07
N LEU A 167 18.80 24.64 0.40
CA LEU A 167 19.88 23.67 0.38
C LEU A 167 20.32 23.43 1.82
N TRP A 168 20.43 22.17 2.21
CA TRP A 168 20.61 21.80 3.61
C TRP A 168 21.94 21.11 3.80
N ASP A 169 22.43 21.16 5.04
CA ASP A 169 23.63 20.47 5.48
C ASP A 169 23.22 19.51 6.59
N ILE A 170 23.31 18.21 6.31
CA ILE A 170 22.80 17.21 7.24
C ILE A 170 23.59 17.21 8.54
N GLU A 171 24.90 17.46 8.45
CA GLU A 171 25.74 17.44 9.65
C GLU A 171 25.39 18.57 10.61
N THR A 172 25.00 19.73 10.08
CA THR A 172 24.66 20.87 10.91
C THR A 172 23.16 21.15 11.00
N GLY A 173 22.38 20.66 10.04
CA GLY A 173 20.94 20.92 10.07
C GLY A 173 20.57 22.37 9.88
N GLN A 174 21.27 23.06 8.98
CA GLN A 174 21.03 24.48 8.74
C GLN A 174 20.71 24.70 7.27
N GLN A 175 20.08 25.84 6.99
CA GLN A 175 19.69 26.21 5.63
C GLN A 175 20.80 27.09 5.06
N THR A 176 21.64 26.50 4.20
CA THR A 176 22.79 27.23 3.68
C THR A 176 22.39 28.23 2.60
N THR A 177 21.49 27.84 1.71
CA THR A 177 21.11 28.68 0.58
C THR A 177 19.61 28.62 0.40
N THR A 178 18.99 29.79 0.18
CA THR A 178 17.55 29.91 0.00
C THR A 178 17.26 30.51 -1.36
N PHE A 179 16.31 29.91 -2.09
CA PHE A 179 15.91 30.36 -3.41
C PHE A 179 14.53 31.01 -3.29
N THR A 180 14.48 32.33 -3.45
CA THR A 180 13.25 33.11 -3.25
C THR A 180 12.78 33.76 -4.54
N GLY A 181 12.80 33.02 -5.65
CA GLY A 181 12.40 33.56 -6.93
C GLY A 181 11.02 33.16 -7.41
N HIS A 182 10.39 32.17 -6.77
CA HIS A 182 9.08 31.70 -7.21
C HIS A 182 7.96 32.49 -6.52
N THR A 183 6.77 32.44 -7.13
CA THR A 183 5.59 33.08 -6.60
C THR A 183 4.45 32.09 -6.37
N GLY A 184 4.77 30.83 -6.14
CA GLY A 184 3.76 29.82 -5.94
C GLY A 184 4.36 28.57 -5.33
N ASP A 185 3.49 27.57 -5.13
CA ASP A 185 3.93 26.32 -4.54
C ASP A 185 4.80 25.53 -5.51
N VAL A 186 5.97 25.11 -5.04
CA VAL A 186 6.91 24.33 -5.83
C VAL A 186 6.56 22.85 -5.65
N MET A 187 6.33 22.15 -6.76
CA MET A 187 5.86 20.77 -6.67
C MET A 187 7.01 19.77 -6.79
N SER A 188 7.90 19.94 -7.76
CA SER A 188 8.96 18.98 -8.00
C SER A 188 10.22 19.69 -8.47
N LEU A 189 11.37 19.06 -8.21
CA LEU A 189 12.67 19.55 -8.65
C LEU A 189 13.41 18.39 -9.29
N SER A 190 14.30 18.70 -10.24
CA SER A 190 15.09 17.70 -10.94
C SER A 190 16.55 18.15 -10.95
N LEU A 191 17.41 17.39 -10.28
CA LEU A 191 18.83 17.71 -10.25
C LEU A 191 19.48 17.37 -11.57
N ALA A 192 20.53 18.13 -11.92
CA ALA A 192 21.29 17.87 -13.13
C ALA A 192 22.23 16.70 -12.91
N PRO A 193 22.63 16.01 -13.99
CA PRO A 193 23.58 14.89 -13.83
C PRO A 193 24.91 15.30 -13.24
N ASP A 194 25.30 16.57 -13.39
CA ASP A 194 26.54 17.09 -12.83
C ASP A 194 26.39 17.53 -11.38
N THR A 195 25.17 17.48 -10.84
CA THR A 195 24.89 17.87 -9.45
C THR A 195 25.32 19.29 -9.13
N ARG A 196 25.24 20.18 -10.12
CA ARG A 196 25.56 21.59 -9.92
C ARG A 196 24.39 22.53 -10.21
N LEU A 197 23.40 22.09 -10.98
CA LEU A 197 22.22 22.89 -11.29
C LEU A 197 20.98 22.05 -11.09
N PHE A 198 19.82 22.70 -11.04
CA PHE A 198 18.55 22.01 -10.92
C PHE A 198 17.42 22.94 -11.34
N VAL A 199 16.42 22.37 -12.01
CA VAL A 199 15.25 23.10 -12.46
C VAL A 199 14.07 22.72 -11.57
N SER A 200 13.34 23.73 -11.10
CA SER A 200 12.20 23.53 -10.22
C SER A 200 10.93 24.00 -10.91
N GLY A 201 9.84 23.28 -10.69
CA GLY A 201 8.55 23.64 -11.24
C GLY A 201 7.59 24.06 -10.13
N ALA A 202 6.86 25.14 -10.38
CA ALA A 202 5.96 25.72 -9.39
C ALA A 202 4.55 25.79 -9.96
N CYS A 203 3.58 26.06 -9.07
CA CYS A 203 2.18 26.13 -9.46
C CYS A 203 1.82 27.41 -10.20
N ASP A 204 2.76 28.35 -10.35
CA ASP A 204 2.51 29.58 -11.09
C ASP A 204 2.63 29.41 -12.60
N ALA A 205 2.58 28.17 -13.09
CA ALA A 205 2.73 27.87 -14.51
C ALA A 205 4.06 28.42 -15.04
N SER A 206 5.13 28.17 -14.29
CA SER A 206 6.44 28.65 -14.68
C SER A 206 7.51 27.76 -14.05
N ALA A 207 8.62 27.63 -14.76
CA ALA A 207 9.79 26.89 -14.29
C ALA A 207 11.01 27.80 -14.30
N LYS A 208 11.93 27.55 -13.38
CA LYS A 208 13.11 28.40 -13.20
C LYS A 208 14.33 27.53 -12.97
N LEU A 209 15.43 27.89 -13.63
CA LEU A 209 16.71 27.22 -13.40
C LEU A 209 17.44 27.90 -12.25
N TRP A 210 18.10 27.08 -11.43
CA TRP A 210 18.79 27.56 -10.24
C TRP A 210 20.22 27.03 -10.23
N ASP A 211 21.03 27.58 -9.33
CA ASP A 211 22.41 27.16 -9.16
C ASP A 211 22.64 26.81 -7.69
N VAL A 212 23.31 25.68 -7.46
CA VAL A 212 23.52 25.23 -6.08
C VAL A 212 24.56 26.08 -5.38
N ARG A 213 25.53 26.63 -6.13
CA ARG A 213 26.61 27.40 -5.53
C ARG A 213 26.22 28.85 -5.30
N GLU A 214 25.78 29.56 -6.34
CA GLU A 214 25.46 30.97 -6.22
C GLU A 214 24.07 31.21 -5.65
N GLY A 215 23.13 30.29 -5.84
CA GLY A 215 21.80 30.45 -5.33
C GLY A 215 20.92 31.41 -6.11
N MET A 216 21.34 31.83 -7.30
CA MET A 216 20.59 32.78 -8.12
C MET A 216 19.81 32.06 -9.21
N CYS A 217 18.79 32.72 -9.72
CA CYS A 217 17.98 32.22 -10.81
C CYS A 217 18.54 32.71 -12.14
N ARG A 218 18.68 31.79 -13.09
CA ARG A 218 19.28 32.09 -14.38
C ARG A 218 18.25 32.25 -15.50
N GLN A 219 17.35 31.28 -15.66
CA GLN A 219 16.40 31.29 -16.74
C GLN A 219 14.99 31.03 -16.20
N THR A 220 14.00 31.51 -16.95
CA THR A 220 12.60 31.34 -16.60
C THR A 220 11.81 30.89 -17.82
N PHE A 221 10.92 29.92 -17.61
CA PHE A 221 10.10 29.37 -18.67
C PHE A 221 8.63 29.55 -18.31
N THR A 222 7.82 29.93 -19.31
CA THR A 222 6.40 30.17 -19.10
C THR A 222 5.51 29.48 -20.14
N GLY A 223 5.87 28.29 -20.60
CA GLY A 223 5.09 27.64 -21.65
C GLY A 223 3.77 27.08 -21.14
N HIS A 224 3.80 26.47 -19.95
CA HIS A 224 2.60 25.82 -19.44
C HIS A 224 1.55 26.84 -19.01
N GLU A 225 0.29 26.40 -19.02
CA GLU A 225 -0.84 27.24 -18.66
C GLU A 225 -1.53 26.78 -17.38
N SER A 226 -0.91 25.88 -16.62
CA SER A 226 -1.52 25.36 -15.40
C SER A 226 -0.40 25.00 -14.43
N ASP A 227 -0.80 24.48 -13.27
CA ASP A 227 0.15 24.14 -12.22
C ASP A 227 1.03 22.96 -12.65
N ILE A 228 2.33 23.19 -12.68
CA ILE A 228 3.29 22.14 -13.06
C ILE A 228 3.51 21.24 -11.86
N ASN A 229 3.17 19.97 -11.99
CA ASN A 229 3.26 19.01 -10.90
C ASN A 229 4.41 18.02 -11.05
N ALA A 230 5.08 17.99 -12.20
CA ALA A 230 6.13 17.01 -12.42
C ALA A 230 7.22 17.64 -13.28
N ILE A 231 8.48 17.22 -13.06
CA ILE A 231 9.62 17.74 -13.82
C ILE A 231 10.75 16.70 -13.90
N CYS A 232 11.47 16.69 -15.02
CA CYS A 232 12.57 15.73 -15.21
C CYS A 232 13.62 16.16 -16.22
N PHE A 233 14.89 16.11 -15.80
CA PHE A 233 16.00 16.50 -16.67
C PHE A 233 16.27 15.48 -17.78
N PHE A 234 16.77 15.95 -18.91
CA PHE A 234 17.15 15.06 -20.00
C PHE A 234 18.44 14.39 -19.53
N PRO A 235 18.75 13.20 -20.06
CA PRO A 235 19.94 12.53 -19.55
C PRO A 235 21.22 13.34 -19.73
N ASN A 236 21.40 14.04 -20.85
CA ASN A 236 22.57 14.91 -21.01
C ASN A 236 22.59 16.08 -20.02
N GLY A 237 21.43 16.62 -19.67
CA GLY A 237 21.36 17.78 -18.81
C GLY A 237 21.18 19.02 -19.64
N ASN A 238 21.22 18.88 -20.96
CA ASN A 238 20.96 20.00 -21.85
C ASN A 238 19.53 20.48 -21.71
N ALA A 239 18.58 19.55 -21.50
CA ALA A 239 17.17 19.93 -21.42
C ALA A 239 16.37 19.32 -20.28
N PHE A 240 15.09 19.67 -20.17
CA PHE A 240 14.19 19.11 -19.18
C PHE A 240 12.75 19.23 -19.68
N ALA A 241 11.89 18.35 -19.16
CA ALA A 241 10.49 18.32 -19.53
C ALA A 241 9.63 18.41 -18.26
N THR A 242 8.47 19.03 -18.40
CA THR A 242 7.55 19.25 -17.29
C THR A 242 6.18 18.68 -17.62
N GLY A 243 5.31 18.68 -16.63
CA GLY A 243 3.94 18.22 -16.80
C GLY A 243 2.98 18.92 -15.87
N SER A 244 1.90 19.47 -16.44
CA SER A 244 0.92 20.22 -15.67
C SER A 244 -0.45 19.55 -15.75
N ASP A 245 -1.45 20.21 -15.17
CA ASP A 245 -2.82 19.74 -15.20
C ASP A 245 -3.58 20.17 -16.45
N ASP A 246 -2.90 20.83 -17.39
CA ASP A 246 -3.51 21.25 -18.64
C ASP A 246 -3.51 20.15 -19.70
N ALA A 247 -3.21 18.91 -19.30
CA ALA A 247 -3.18 17.77 -20.21
C ALA A 247 -2.18 17.99 -21.36
N THR A 248 -1.08 18.66 -21.05
CA THR A 248 -0.06 18.97 -22.04
C THR A 248 1.31 18.85 -21.39
N CYS A 249 2.26 18.30 -22.16
CA CYS A 249 3.64 18.19 -21.74
C CYS A 249 4.53 18.92 -22.73
N ARG A 250 5.55 19.60 -22.20
CA ARG A 250 6.42 20.42 -23.03
C ARG A 250 7.88 20.14 -22.65
N LEU A 251 8.76 20.35 -23.63
CA LEU A 251 10.19 20.16 -23.46
C LEU A 251 10.88 21.51 -23.54
N PHE A 252 11.55 21.90 -22.46
CA PHE A 252 12.23 23.19 -22.38
C PHE A 252 13.73 22.95 -22.33
N ASP A 253 14.45 23.55 -23.27
CA ASP A 253 15.90 23.43 -23.31
C ASP A 253 16.54 24.51 -22.44
N LEU A 254 17.79 24.24 -22.03
CA LEU A 254 18.55 25.19 -21.23
C LEU A 254 19.46 26.09 -22.06
N ARG A 255 19.76 25.71 -23.30
CA ARG A 255 20.62 26.51 -24.17
C ARG A 255 19.82 27.46 -25.05
N ALA A 256 18.66 27.01 -25.55
CA ALA A 256 17.82 27.85 -26.40
C ALA A 256 16.84 28.70 -25.60
N ASP A 257 16.53 28.32 -24.36
CA ASP A 257 15.61 29.05 -23.50
C ASP A 257 14.23 29.23 -24.12
N GLN A 258 13.78 28.25 -24.90
CA GLN A 258 12.48 28.31 -25.55
C GLN A 258 11.88 26.91 -25.61
N GLU A 259 10.56 26.87 -25.77
CA GLU A 259 9.84 25.60 -25.87
C GLU A 259 10.19 24.92 -27.20
N LEU A 260 10.75 23.72 -27.12
CA LEU A 260 11.14 23.00 -28.32
C LEU A 260 9.97 22.21 -28.91
N MET A 261 9.33 21.38 -28.08
CA MET A 261 8.24 20.53 -28.55
C MET A 261 7.14 20.49 -27.51
N THR A 262 5.94 20.10 -27.93
CA THR A 262 4.78 19.99 -27.06
C THR A 262 4.17 18.61 -27.22
N TYR A 263 3.68 18.06 -26.11
CA TYR A 263 3.09 16.72 -26.07
C TYR A 263 1.66 16.84 -25.54
N SER A 264 0.68 16.68 -26.44
CA SER A 264 -0.72 16.77 -26.05
C SER A 264 -1.55 15.95 -27.02
N HIS A 265 -2.67 15.43 -26.53
CA HIS A 265 -3.59 14.63 -27.34
C HIS A 265 -5.02 15.06 -27.06
N ASP A 266 -5.89 14.89 -28.05
CA ASP A 266 -7.28 15.33 -27.93
C ASP A 266 -8.05 14.53 -26.88
N ASN A 267 -7.76 13.24 -26.75
CA ASN A 267 -8.47 12.38 -25.79
C ASN A 267 -7.87 12.42 -24.40
N ILE A 268 -6.93 13.33 -24.14
CA ILE A 268 -6.30 13.46 -22.83
C ILE A 268 -6.88 14.68 -22.14
N ILE A 269 -7.60 14.46 -21.04
CA ILE A 269 -8.19 15.54 -20.27
C ILE A 269 -7.58 15.62 -18.87
N CYS A 270 -7.01 14.52 -18.39
CA CYS A 270 -6.44 14.48 -17.05
C CYS A 270 -5.09 15.20 -17.02
N GLY A 271 -4.56 15.38 -15.81
CA GLY A 271 -3.31 16.06 -15.61
C GLY A 271 -2.11 15.12 -15.60
N ILE A 272 -0.96 15.70 -15.27
CA ILE A 272 0.31 14.97 -15.24
C ILE A 272 0.86 15.04 -13.81
N THR A 273 1.19 13.87 -13.25
CA THR A 273 1.73 13.80 -11.91
C THR A 273 3.19 13.35 -11.85
N SER A 274 3.67 12.63 -12.86
CA SER A 274 5.05 12.17 -12.88
C SER A 274 5.57 12.21 -14.30
N VAL A 275 6.85 12.50 -14.46
CA VAL A 275 7.49 12.54 -15.79
C VAL A 275 8.91 12.01 -15.67
N SER A 276 9.31 11.06 -16.52
CA SER A 276 10.70 10.58 -16.52
C SER A 276 11.23 10.22 -17.90
N PHE A 277 12.55 10.28 -18.07
CA PHE A 277 13.16 10.01 -19.38
C PHE A 277 13.88 8.67 -19.44
N SER A 278 14.03 8.12 -20.63
CA SER A 278 14.77 6.87 -20.79
C SER A 278 16.28 7.11 -20.70
N LYS A 279 17.07 6.04 -20.70
CA LYS A 279 18.52 6.19 -20.55
C LYS A 279 19.11 7.01 -21.69
N SER A 280 18.52 6.92 -22.88
CA SER A 280 19.03 7.64 -24.04
C SER A 280 18.21 8.88 -24.38
N GLY A 281 17.03 9.04 -23.81
CA GLY A 281 16.20 10.18 -24.12
C GLY A 281 15.32 10.04 -25.34
N ARG A 282 15.22 8.83 -25.90
CA ARG A 282 14.39 8.58 -27.08
C ARG A 282 12.94 8.27 -26.72
N LEU A 283 12.68 7.87 -25.46
CA LEU A 283 11.34 7.57 -25.02
C LEU A 283 11.03 8.36 -23.77
N LEU A 284 9.79 8.85 -23.67
CA LEU A 284 9.34 9.63 -22.53
C LEU A 284 8.14 8.97 -21.91
N LEU A 285 8.16 8.83 -20.59
CA LEU A 285 7.07 8.22 -19.84
C LEU A 285 6.50 9.24 -18.87
N ALA A 286 5.18 9.38 -18.90
CA ALA A 286 4.50 10.36 -18.06
C ALA A 286 3.38 9.68 -17.29
N GLY A 287 3.07 10.22 -16.11
CA GLY A 287 2.01 9.70 -15.29
C GLY A 287 0.72 10.48 -15.45
N TYR A 288 -0.34 9.80 -15.87
CA TYR A 288 -1.64 10.42 -16.12
C TYR A 288 -2.61 10.04 -15.00
N ASP A 289 -3.67 10.84 -14.88
CA ASP A 289 -4.73 10.59 -13.90
C ASP A 289 -5.90 9.83 -14.52
N ASP A 290 -5.73 9.29 -15.72
CA ASP A 290 -6.74 8.48 -16.39
C ASP A 290 -6.56 7.00 -16.10
N PHE A 291 -5.90 6.66 -14.99
CA PHE A 291 -5.65 5.30 -14.51
C PHE A 291 -4.66 4.55 -15.40
N ASN A 292 -4.14 5.18 -16.46
CA ASN A 292 -3.23 4.53 -17.38
C ASN A 292 -1.95 5.35 -17.52
N CYS A 293 -0.97 4.77 -18.19
CA CYS A 293 0.29 5.43 -18.50
C CYS A 293 0.50 5.45 -20.01
N ASN A 294 1.28 6.42 -20.47
CA ASN A 294 1.54 6.58 -21.89
C ASN A 294 3.04 6.77 -22.13
N VAL A 295 3.48 6.38 -23.32
CA VAL A 295 4.86 6.55 -23.74
C VAL A 295 4.89 7.48 -24.94
N TRP A 296 5.82 8.43 -24.92
CA TRP A 296 5.90 9.45 -25.96
C TRP A 296 7.31 9.49 -26.53
N ASP A 297 7.41 9.52 -27.86
CA ASP A 297 8.70 9.72 -28.51
C ASP A 297 9.10 11.19 -28.40
N ALA A 298 10.23 11.45 -27.75
CA ALA A 298 10.64 12.83 -27.50
C ALA A 298 10.98 13.55 -28.80
N LEU A 299 11.61 12.84 -29.74
CA LEU A 299 12.06 13.49 -30.97
C LEU A 299 10.92 13.76 -31.95
N LYS A 300 9.88 12.92 -31.93
CA LYS A 300 8.80 13.01 -32.91
C LYS A 300 7.46 13.39 -32.30
N ALA A 301 7.36 13.44 -30.97
CA ALA A 301 6.11 13.79 -30.28
C ALA A 301 4.96 12.88 -30.72
N ASP A 302 5.17 11.58 -30.61
CA ASP A 302 4.18 10.59 -31.00
C ASP A 302 4.07 9.55 -29.90
N ARG A 303 2.87 8.98 -29.77
CA ARG A 303 2.62 7.97 -28.75
C ARG A 303 3.19 6.63 -29.19
N ALA A 304 4.02 6.03 -28.34
CA ALA A 304 4.67 4.76 -28.65
C ALA A 304 4.06 3.58 -27.89
N GLY A 305 3.63 3.79 -26.65
CA GLY A 305 3.05 2.71 -25.86
C GLY A 305 2.10 3.25 -24.83
N VAL A 306 1.19 2.38 -24.40
CA VAL A 306 0.17 2.71 -23.41
C VAL A 306 0.16 1.63 -22.35
N LEU A 307 0.46 2.01 -21.11
CA LEU A 307 0.45 1.06 -20.00
C LEU A 307 -0.84 1.21 -19.21
N ALA A 308 -1.51 0.09 -18.95
CA ALA A 308 -2.77 0.08 -18.23
C ALA A 308 -2.78 -0.98 -17.13
N GLY A 309 -1.67 -1.13 -16.42
CA GLY A 309 -1.60 -2.12 -15.36
C GLY A 309 -2.28 -1.67 -14.09
N HIS A 310 -2.15 -0.39 -13.75
CA HIS A 310 -2.74 0.12 -12.52
C HIS A 310 -4.23 0.40 -12.72
N ASP A 311 -4.94 0.48 -11.59
CA ASP A 311 -6.38 0.74 -11.58
C ASP A 311 -6.74 2.02 -10.84
N ASN A 312 -5.78 2.90 -10.63
CA ASN A 312 -6.02 4.15 -9.92
C ASN A 312 -5.11 5.22 -10.50
N ARG A 313 -5.19 6.45 -9.99
CA ARG A 313 -4.38 7.55 -10.53
C ARG A 313 -2.92 7.23 -10.41
N VAL A 314 -2.16 7.39 -11.49
CA VAL A 314 -0.74 7.02 -11.47
C VAL A 314 0.10 8.15 -10.92
N SER A 315 0.38 8.09 -9.62
CA SER A 315 1.18 9.13 -8.98
C SER A 315 2.64 9.27 -9.36
N CYS A 316 3.36 8.16 -9.49
CA CYS A 316 4.80 8.26 -9.73
C CYS A 316 5.39 7.36 -10.80
N LEU A 317 6.54 7.75 -11.34
CA LEU A 317 7.19 6.97 -12.39
C LEU A 317 8.70 7.13 -12.32
N GLY A 318 9.43 6.02 -12.38
CA GLY A 318 10.88 6.04 -12.32
C GLY A 318 11.56 5.11 -13.31
N VAL A 319 12.76 5.45 -13.74
CA VAL A 319 13.51 4.59 -14.66
C VAL A 319 14.87 4.26 -14.05
N THR A 320 15.28 3.00 -14.12
CA THR A 320 16.60 2.60 -13.60
C THR A 320 17.71 3.27 -14.39
N ASP A 321 18.88 3.39 -13.78
CA ASP A 321 20.01 4.01 -14.47
C ASP A 321 20.38 3.18 -15.69
N ASP A 322 20.41 1.86 -15.57
CA ASP A 322 20.69 1.00 -16.72
C ASP A 322 19.61 1.02 -17.80
N GLY A 323 18.35 1.15 -17.42
CA GLY A 323 17.27 1.18 -18.39
C GLY A 323 16.70 -0.21 -18.50
N MET A 324 17.22 -1.14 -17.71
CA MET A 324 16.78 -2.52 -17.80
C MET A 324 15.48 -2.79 -17.06
N ALA A 325 14.86 -1.76 -16.48
CA ALA A 325 13.60 -1.92 -15.75
C ALA A 325 12.97 -0.55 -15.59
N VAL A 326 11.63 -0.54 -15.55
CA VAL A 326 10.86 0.67 -15.37
C VAL A 326 9.72 0.37 -14.40
N ALA A 327 9.70 1.07 -13.27
CA ALA A 327 8.66 0.92 -12.26
C ALA A 327 7.69 2.08 -12.32
N THR A 328 6.48 1.85 -11.84
CA THR A 328 5.43 2.86 -11.86
C THR A 328 4.56 2.69 -10.62
N GLY A 329 4.35 3.78 -9.88
CA GLY A 329 3.49 3.78 -8.72
C GLY A 329 2.17 4.47 -9.00
N SER A 330 1.20 4.22 -8.11
CA SER A 330 -0.13 4.80 -8.25
C SER A 330 -0.82 4.75 -6.90
N TRP A 331 -1.99 5.40 -6.83
CA TRP A 331 -2.78 5.40 -5.60
C TRP A 331 -3.29 4.01 -5.25
N ASP A 332 -3.37 3.11 -6.23
CA ASP A 332 -3.67 1.71 -5.98
C ASP A 332 -2.45 1.05 -5.34
N SER A 333 -2.66 0.39 -4.21
CA SER A 333 -1.55 -0.13 -3.40
C SER A 333 -0.97 -1.37 -4.07
N PHE A 334 -0.39 -1.16 -5.24
CA PHE A 334 0.25 -2.23 -6.00
C PHE A 334 1.34 -1.62 -6.86
N LEU A 335 2.56 -2.11 -6.71
CA LEU A 335 3.70 -1.66 -7.51
C LEU A 335 4.03 -2.70 -8.56
N LYS A 336 4.37 -2.21 -9.75
CA LYS A 336 4.67 -3.09 -10.88
C LYS A 336 5.89 -2.58 -11.61
N ILE A 337 6.54 -3.48 -12.34
CA ILE A 337 7.72 -3.15 -13.13
C ILE A 337 7.48 -3.58 -14.57
N TRP A 338 7.87 -2.70 -15.50
CA TRP A 338 7.69 -2.94 -16.92
C TRP A 338 9.04 -2.91 -17.63
N ASN A 339 9.14 -3.66 -18.71
CA ASN A 339 10.37 -3.72 -19.49
C ASN A 339 10.08 -4.18 -20.92
N ASN B 1 3.71 52.75 -0.64
CA ASN B 1 4.19 51.48 -0.13
C ASN B 1 5.62 51.20 -0.60
N THR B 2 6.58 51.35 0.32
CA THR B 2 7.98 51.12 -0.03
C THR B 2 8.26 49.63 -0.26
N ALA B 3 7.45 48.75 0.34
CA ALA B 3 7.64 47.31 0.15
C ALA B 3 7.39 46.92 -1.31
N SER B 4 6.31 47.44 -1.90
CA SER B 4 6.04 47.17 -3.31
C SER B 4 7.11 47.76 -4.21
N ILE B 5 7.63 48.94 -3.86
CA ILE B 5 8.71 49.55 -4.64
C ILE B 5 9.94 48.66 -4.60
N ALA B 6 10.30 48.15 -3.42
CA ALA B 6 11.46 47.29 -3.29
C ALA B 6 11.27 45.98 -4.05
N GLN B 7 10.05 45.41 -3.97
CA GLN B 7 9.77 44.18 -4.68
C GLN B 7 9.88 44.38 -6.19
N ALA B 8 9.34 45.49 -6.69
CA ALA B 8 9.42 45.77 -8.13
C ALA B 8 10.85 46.02 -8.57
N ARG B 9 11.64 46.68 -7.72
CA ARG B 9 13.04 46.90 -8.06
C ARG B 9 13.82 45.59 -8.09
N LYS B 10 13.53 44.69 -7.15
CA LYS B 10 14.17 43.39 -7.17
C LYS B 10 13.77 42.59 -8.40
N LEU B 11 12.49 42.70 -8.79
CA LEU B 11 12.04 42.02 -10.01
C LEU B 11 12.73 42.58 -11.25
N VAL B 12 12.90 43.91 -11.29
CA VAL B 12 13.60 44.53 -12.42
C VAL B 12 15.05 44.08 -12.47
N GLU B 13 15.70 44.02 -11.31
CA GLU B 13 17.08 43.56 -11.26
C GLU B 13 17.20 42.11 -11.71
N GLN B 14 16.25 41.26 -11.29
CA GLN B 14 16.26 39.86 -11.69
C GLN B 14 16.05 39.72 -13.19
N LEU B 15 15.13 40.50 -13.77
CA LEU B 15 14.92 40.45 -15.21
C LEU B 15 16.15 40.92 -15.97
N LYS B 16 16.81 41.99 -15.48
CA LYS B 16 18.03 42.45 -16.12
C LYS B 16 19.13 41.40 -16.05
N MET B 17 19.24 40.71 -14.92
CA MET B 17 20.24 39.66 -14.78
C MET B 17 19.95 38.48 -15.70
N GLU B 18 18.68 38.09 -15.81
CA GLU B 18 18.30 36.98 -16.67
C GLU B 18 18.35 37.34 -18.16
N ALA B 19 18.33 38.63 -18.49
CA ALA B 19 18.36 39.04 -19.89
C ALA B 19 19.76 39.01 -20.48
N ASN B 20 20.81 38.97 -19.65
CA ASN B 20 22.17 39.00 -20.16
C ASN B 20 22.66 37.63 -20.62
N ILE B 21 21.85 36.59 -20.46
CA ILE B 21 22.24 35.23 -20.85
C ILE B 21 22.38 35.15 -22.37
N ASP B 22 23.21 34.22 -22.84
CA ASP B 22 23.41 33.99 -24.26
C ASP B 22 22.57 32.80 -24.70
N ARG B 23 21.74 33.01 -25.71
CA ARG B 23 20.84 31.97 -26.22
C ARG B 23 21.32 31.45 -27.56
N ILE B 24 21.20 30.15 -27.76
CA ILE B 24 21.59 29.51 -29.01
C ILE B 24 20.34 29.23 -29.82
N LYS B 25 20.51 28.91 -31.10
CA LYS B 25 19.38 28.62 -31.99
C LYS B 25 18.75 27.29 -31.62
N VAL B 26 17.47 27.15 -31.97
CA VAL B 26 16.73 25.93 -31.65
C VAL B 26 17.26 24.76 -32.48
N SER B 27 17.72 25.05 -33.69
CA SER B 27 18.24 24.00 -34.57
C SER B 27 19.46 23.32 -33.97
N LYS B 28 20.37 24.10 -33.38
CA LYS B 28 21.57 23.53 -32.78
C LYS B 28 21.23 22.63 -31.61
N ALA B 29 20.32 23.07 -30.74
CA ALA B 29 19.91 22.25 -29.60
C ALA B 29 19.19 20.99 -30.07
N ALA B 30 18.37 21.10 -31.12
CA ALA B 30 17.69 19.92 -31.65
C ALA B 30 18.68 18.93 -32.22
N ALA B 31 19.70 19.42 -32.94
CA ALA B 31 20.72 18.53 -33.49
C ALA B 31 21.52 17.86 -32.39
N ASP B 32 21.82 18.61 -31.32
CA ASP B 32 22.55 18.02 -30.19
C ASP B 32 21.71 16.94 -29.50
N LEU B 33 20.42 17.20 -29.32
CA LEU B 33 19.55 16.20 -28.71
C LEU B 33 19.45 14.96 -29.58
N MET B 34 19.32 15.15 -30.91
CA MET B 34 19.27 14.01 -31.81
C MET B 34 20.55 13.19 -31.76
N ALA B 35 21.70 13.87 -31.73
CA ALA B 35 22.98 13.17 -31.66
C ALA B 35 23.10 12.39 -30.35
N TYR B 36 22.73 13.03 -29.24
CA TYR B 36 22.84 12.35 -27.94
C TYR B 36 21.89 11.16 -27.86
N CYS B 37 20.72 11.26 -28.50
CA CYS B 37 19.78 10.15 -28.48
C CYS B 37 20.28 9.00 -29.35
N GLU B 38 20.63 9.29 -30.59
CA GLU B 38 21.03 8.23 -31.52
C GLU B 38 22.35 7.59 -31.10
N ALA B 39 23.20 8.34 -30.41
CA ALA B 39 24.50 7.82 -30.00
C ALA B 39 24.35 6.74 -28.93
N HIS B 40 23.55 6.99 -27.91
CA HIS B 40 23.39 6.08 -26.79
C HIS B 40 22.12 5.23 -26.88
N ALA B 41 21.63 4.94 -28.08
CA ALA B 41 20.42 4.15 -28.24
C ALA B 41 20.67 2.72 -28.70
N LYS B 42 21.90 2.40 -29.13
CA LYS B 42 22.15 1.07 -29.68
C LYS B 42 22.16 0.00 -28.61
N GLU B 43 22.98 0.16 -27.57
CA GLU B 43 23.15 -0.85 -26.54
C GLU B 43 22.84 -0.36 -25.14
N ASP B 44 22.93 0.95 -24.90
CA ASP B 44 22.67 1.47 -23.56
C ASP B 44 21.25 1.19 -23.07
N PRO B 45 20.18 1.60 -23.75
CA PRO B 45 18.84 1.41 -23.19
C PRO B 45 18.29 0.03 -23.50
N LEU B 46 17.46 -0.48 -22.60
CA LEU B 46 16.78 -1.75 -22.81
C LEU B 46 15.30 -1.56 -23.15
N LEU B 47 14.89 -0.38 -23.56
CA LEU B 47 13.50 -0.10 -23.88
C LEU B 47 13.21 -0.16 -25.38
N THR B 48 13.92 0.61 -26.20
CA THR B 48 13.71 0.52 -27.65
C THR B 48 14.29 -0.76 -28.23
N PRO B 49 15.53 -1.16 -27.93
CA PRO B 49 15.98 -2.50 -28.33
C PRO B 49 15.68 -3.50 -27.21
N VAL B 50 15.23 -4.68 -27.60
CA VAL B 50 14.85 -5.70 -26.63
C VAL B 50 15.72 -6.94 -26.82
N PRO B 51 16.91 -7.00 -26.22
CA PRO B 51 17.73 -8.21 -26.32
C PRO B 51 17.24 -9.31 -25.38
N ALA B 52 17.84 -10.49 -25.46
CA ALA B 52 17.48 -11.62 -24.63
C ALA B 52 18.75 -12.23 -24.03
N SER B 53 18.54 -13.14 -23.08
CA SER B 53 19.54 -13.93 -22.37
C SER B 53 20.32 -13.09 -21.35
N GLU B 54 20.11 -11.78 -21.28
CA GLU B 54 20.76 -10.94 -20.29
C GLU B 54 19.79 -10.16 -19.42
N ASN B 55 18.49 -10.15 -19.75
CA ASN B 55 17.54 -9.36 -19.01
C ASN B 55 17.07 -10.11 -17.77
N PRO B 56 17.13 -9.50 -16.59
CA PRO B 56 16.63 -10.14 -15.36
C PRO B 56 15.11 -10.13 -15.22
N PHE B 57 14.38 -9.82 -16.30
CA PHE B 57 12.93 -9.69 -16.22
C PHE B 57 12.27 -10.92 -15.62
N ARG B 58 12.84 -12.10 -15.85
CA ARG B 58 12.26 -13.34 -15.31
C ARG B 58 13.33 -14.20 -14.64
N CYS C 1 14.15 -23.76 -3.84
CA CYS C 1 15.01 -24.83 -4.34
C CYS C 1 16.17 -24.25 -5.14
N THR C 2 15.89 -23.19 -5.90
CA THR C 2 16.90 -22.53 -6.72
C THR C 2 17.47 -21.28 -6.06
N LEU C 3 17.28 -21.12 -4.75
CA LEU C 3 17.78 -19.99 -4.00
C LEU C 3 18.90 -20.44 -3.07
N SER C 4 19.80 -19.50 -2.76
CA SER C 4 20.91 -19.79 -1.87
C SER C 4 20.48 -19.67 -0.41
N ALA C 5 21.45 -19.84 0.50
CA ALA C 5 21.14 -19.77 1.92
C ALA C 5 20.81 -18.35 2.36
N GLU C 6 21.52 -17.36 1.79
CA GLU C 6 21.27 -15.97 2.17
C GLU C 6 19.97 -15.45 1.57
N ASP C 7 19.50 -16.04 0.47
CA ASP C 7 18.26 -15.58 -0.14
C ASP C 7 17.04 -16.13 0.59
N LYS C 8 17.11 -17.38 1.05
CA LYS C 8 16.00 -17.98 1.78
C LYS C 8 15.72 -17.31 3.11
N ALA C 9 16.72 -16.64 3.70
CA ALA C 9 16.50 -15.85 4.91
C ALA C 9 15.99 -14.46 4.59
N ALA C 10 16.41 -13.89 3.46
CA ALA C 10 15.81 -12.63 3.01
C ALA C 10 14.34 -12.80 2.69
N VAL C 11 13.95 -13.96 2.15
CA VAL C 11 12.54 -14.23 1.89
C VAL C 11 11.76 -14.28 3.21
N GLU C 12 12.36 -14.89 4.24
CA GLU C 12 11.70 -14.94 5.54
C GLU C 12 11.59 -13.55 6.16
N ARG C 13 12.63 -12.72 6.00
CA ARG C 13 12.56 -11.34 6.48
C ARG C 13 11.47 -10.57 5.77
N SER C 14 11.34 -10.75 4.45
CA SER C 14 10.28 -10.08 3.70
C SER C 14 8.91 -10.57 4.15
N LYS C 15 8.78 -11.86 4.44
CA LYS C 15 7.50 -12.38 4.93
C LYS C 15 7.16 -11.81 6.31
N MET C 16 8.16 -11.66 7.18
CA MET C 16 7.92 -11.02 8.48
C MET C 16 7.52 -9.57 8.33
N ILE C 17 8.15 -8.84 7.39
CA ILE C 17 7.77 -7.46 7.16
C ILE C 17 6.35 -7.37 6.63
N ASP C 18 5.97 -8.30 5.74
CA ASP C 18 4.60 -8.36 5.25
C ASP C 18 3.61 -8.68 6.36
N ARG C 19 3.97 -9.57 7.28
CA ARG C 19 3.11 -9.89 8.41
C ARG C 19 2.95 -8.70 9.34
N ASN C 20 4.00 -7.92 9.55
CA ASN C 20 3.91 -6.72 10.36
C ASN C 20 3.11 -5.61 9.70
N LEU C 21 3.27 -5.42 8.39
CA LEU C 21 2.51 -4.38 7.70
C LEU C 21 1.02 -4.71 7.70
N ARG C 22 0.67 -5.98 7.57
CA ARG C 22 -0.74 -6.37 7.60
C ARG C 22 -1.37 -6.11 8.96
N GLU C 23 -0.68 -6.44 10.05
CA GLU C 23 -1.24 -6.17 11.36
C GLU C 23 -1.28 -4.68 11.67
N ASP C 24 -0.29 -3.92 11.17
CA ASP C 24 -0.36 -2.47 11.32
C ASP C 24 -1.55 -1.87 10.57
N GLY C 25 -1.82 -2.37 9.36
CA GLY C 25 -2.99 -1.91 8.62
C GLY C 25 -4.28 -2.30 9.29
N GLU C 26 -4.35 -3.51 9.86
CA GLU C 26 -5.54 -3.93 10.57
C GLU C 26 -5.76 -3.13 11.86
N LYS C 27 -4.67 -2.70 12.51
CA LYS C 27 -4.78 -1.85 13.68
C LYS C 27 -5.17 -0.42 13.33
N ALA C 28 -4.69 0.10 12.20
CA ALA C 28 -5.05 1.43 11.75
C ALA C 28 -6.44 1.50 11.12
N ALA C 29 -7.06 0.34 10.88
CA ALA C 29 -8.40 0.31 10.30
C ALA C 29 -9.51 0.44 11.33
N ARG C 30 -9.20 0.24 12.61
CA ARG C 30 -10.18 0.39 13.69
C ARG C 30 -10.17 1.80 14.27
N GLU C 31 -9.57 2.76 13.58
CA GLU C 31 -9.47 4.13 14.05
C GLU C 31 -10.29 5.05 13.16
N VAL C 32 -10.86 6.09 13.76
CA VAL C 32 -11.69 7.06 13.06
C VAL C 32 -10.82 8.25 12.70
N LYS C 33 -10.83 8.64 11.43
CA LYS C 33 -10.06 9.76 10.92
C LYS C 33 -11.01 10.92 10.65
N LEU C 34 -10.82 12.02 11.38
CA LEU C 34 -11.65 13.20 11.25
C LEU C 34 -10.80 14.40 10.85
N LEU C 35 -11.21 15.12 9.82
CA LEU C 35 -10.49 16.29 9.35
C LEU C 35 -11.01 17.54 10.06
N LEU C 36 -10.13 18.28 10.72
CA LEU C 36 -10.58 19.43 11.48
C LEU C 36 -10.36 20.68 10.66
N LEU C 37 -11.43 21.39 10.37
CA LEU C 37 -11.32 22.55 9.50
C LEU C 37 -11.98 23.77 10.10
N GLY C 38 -11.53 24.94 9.69
CA GLY C 38 -12.10 26.16 10.20
C GLY C 38 -11.51 27.44 9.66
N ALA C 39 -12.34 28.44 9.44
CA ALA C 39 -11.89 29.74 8.98
C ALA C 39 -11.19 30.50 10.11
N GLY C 40 -10.85 31.75 9.84
CA GLY C 40 -10.19 32.56 10.84
C GLY C 40 -11.11 32.92 11.99
N GLU C 41 -10.57 32.82 13.21
CA GLU C 41 -11.31 33.11 14.44
C GLU C 41 -12.59 32.28 14.53
N SER C 42 -12.46 30.98 14.28
CA SER C 42 -13.62 30.09 14.32
C SER C 42 -13.74 29.36 15.65
N GLY C 43 -13.04 29.81 16.67
CA GLY C 43 -13.15 29.19 17.98
C GLY C 43 -12.88 27.70 18.06
N LYS C 44 -11.82 27.22 17.42
CA LYS C 44 -11.54 25.79 17.40
C LYS C 44 -11.27 25.20 18.78
N ASN C 45 -10.58 25.95 19.64
CA ASN C 45 -10.25 25.45 20.97
C ASN C 45 -11.42 24.80 21.75
N THR C 46 -12.66 25.11 21.39
CA THR C 46 -13.81 24.58 22.11
C THR C 46 -13.73 23.06 22.23
N ILE C 47 -13.68 22.35 21.10
CA ILE C 47 -13.70 20.89 21.15
C ILE C 47 -12.33 20.34 21.52
N VAL C 48 -11.26 21.03 21.12
CA VAL C 48 -9.91 20.54 21.39
C VAL C 48 -9.65 20.48 22.90
N LYS C 49 -10.19 21.46 23.64
CA LYS C 49 -10.02 21.45 25.09
C LYS C 49 -10.75 20.29 25.73
N GLN C 50 -11.96 19.98 25.23
CA GLN C 50 -12.73 18.88 25.82
C GLN C 50 -12.13 17.53 25.46
N MET C 51 -11.49 17.43 24.29
CA MET C 51 -10.88 16.15 23.89
C MET C 51 -9.66 15.82 24.74
N LYS C 52 -9.04 16.81 25.37
CA LYS C 52 -7.89 16.57 26.23
C LYS C 52 -8.28 16.66 27.70
N THR C 180 5.50 22.42 13.03
CA THR C 180 4.87 21.50 12.09
C THR C 180 3.66 22.14 11.41
N GLY C 181 3.43 21.80 10.14
CA GLY C 181 2.30 22.36 9.43
C GLY C 181 0.97 21.79 9.86
N ILE C 182 0.88 20.45 9.94
CA ILE C 182 -0.34 19.77 10.33
C ILE C 182 -0.18 19.29 11.77
N VAL C 183 -1.18 19.56 12.60
CA VAL C 183 -1.20 19.14 13.99
C VAL C 183 -2.20 18.01 14.15
N GLU C 184 -1.83 16.99 14.92
CA GLU C 184 -2.67 15.83 15.14
C GLU C 184 -3.00 15.68 16.61
N THR C 185 -4.24 15.28 16.90
CA THR C 185 -4.69 15.04 18.26
C THR C 185 -5.39 13.70 18.31
N HIS C 186 -4.98 12.84 19.24
CA HIS C 186 -5.51 11.49 19.36
C HIS C 186 -6.14 11.32 20.73
N PHE C 187 -7.43 11.01 20.76
CA PHE C 187 -8.16 10.76 21.98
C PHE C 187 -9.03 9.53 21.82
N THR C 188 -9.49 8.99 22.95
CA THR C 188 -10.32 7.80 22.97
C THR C 188 -11.58 8.07 23.77
N PHE C 189 -12.72 7.65 23.24
CA PHE C 189 -14.01 7.87 23.89
C PHE C 189 -14.93 6.70 23.57
N LYS C 190 -15.35 5.97 24.60
CA LYS C 190 -16.25 4.82 24.47
C LYS C 190 -15.65 3.77 23.54
N ASP C 191 -14.41 3.37 23.84
CA ASP C 191 -13.73 2.30 23.11
C ASP C 191 -13.58 2.61 21.63
N LEU C 192 -13.52 3.90 21.31
CA LEU C 192 -13.34 4.36 19.94
C LEU C 192 -12.14 5.28 19.86
N HIS C 193 -11.18 4.93 19.01
CA HIS C 193 -9.95 5.70 18.85
C HIS C 193 -10.14 6.73 17.76
N PHE C 194 -10.43 7.97 18.15
CA PHE C 194 -10.59 9.07 17.21
C PHE C 194 -9.26 9.78 16.99
N LYS C 195 -9.01 10.18 15.75
CA LYS C 195 -7.80 10.92 15.39
C LYS C 195 -8.20 12.15 14.59
N MET C 196 -7.94 13.32 15.15
CA MET C 196 -8.24 14.60 14.50
C MET C 196 -6.97 15.19 13.93
N PHE C 197 -7.07 15.79 12.75
CA PHE C 197 -5.93 16.35 12.05
C PHE C 197 -6.24 17.80 11.69
N ASP C 198 -5.74 18.73 12.49
CA ASP C 198 -5.96 20.15 12.25
C ASP C 198 -5.10 20.62 11.09
N VAL C 199 -5.72 21.31 10.14
CA VAL C 199 -5.01 21.82 8.97
C VAL C 199 -5.15 23.34 8.93
N GLY C 200 -5.41 23.95 10.08
CA GLY C 200 -5.55 25.39 10.17
C GLY C 200 -4.26 26.17 10.11
N ALA C 201 -3.11 25.50 10.21
CA ALA C 201 -1.81 26.13 10.16
C ALA C 201 -1.12 25.94 8.82
N GLN C 202 -1.86 25.53 7.79
CA GLN C 202 -1.33 25.33 6.45
C GLN C 202 -1.82 26.46 5.55
N ARG C 203 -0.92 27.36 5.19
CA ARG C 203 -1.25 28.54 4.38
C ARG C 203 -0.67 28.34 2.99
N SER C 204 -1.44 27.70 2.11
CA SER C 204 -1.00 27.42 0.75
C SER C 204 -2.23 27.02 -0.07
N GLU C 205 -1.98 26.58 -1.29
CA GLU C 205 -3.07 26.11 -2.14
C GLU C 205 -3.66 24.83 -1.56
N ARG C 206 -4.96 24.88 -1.26
CA ARG C 206 -5.61 23.73 -0.63
C ARG C 206 -5.74 22.55 -1.59
N LYS C 207 -5.81 22.82 -2.90
CA LYS C 207 -6.06 21.76 -3.88
C LYS C 207 -4.99 20.67 -3.81
N LYS C 208 -3.79 21.01 -3.35
CA LYS C 208 -2.69 20.05 -3.33
C LYS C 208 -2.84 19.08 -2.16
N TRP C 209 -3.12 19.59 -0.96
CA TRP C 209 -3.15 18.71 0.21
C TRP C 209 -4.56 18.28 0.56
N ILE C 210 -5.56 18.70 -0.21
CA ILE C 210 -6.94 18.33 0.11
C ILE C 210 -7.22 16.88 -0.29
N HIS C 211 -6.53 16.36 -1.29
CA HIS C 211 -6.77 14.98 -1.73
C HIS C 211 -6.07 13.99 -0.82
N CYS C 212 -5.11 14.45 -0.03
CA CYS C 212 -4.41 13.59 0.91
C CYS C 212 -5.31 13.13 2.06
N PHE C 213 -6.47 13.76 2.24
CA PHE C 213 -7.41 13.39 3.30
C PHE C 213 -8.65 12.71 2.75
N GLU C 214 -8.58 12.16 1.54
CA GLU C 214 -9.72 11.47 0.96
C GLU C 214 -9.96 10.15 1.67
N GLY C 215 -11.19 9.93 2.12
CA GLY C 215 -11.57 8.73 2.82
C GLY C 215 -11.79 8.89 4.31
N VAL C 216 -11.73 10.12 4.82
CA VAL C 216 -11.96 10.33 6.25
C VAL C 216 -13.42 10.08 6.59
N THR C 217 -13.70 9.86 7.88
CA THR C 217 -15.05 9.58 8.31
C THR C 217 -15.94 10.81 8.19
N ALA C 218 -15.55 11.92 8.82
CA ALA C 218 -16.34 13.14 8.78
C ALA C 218 -15.42 14.33 8.98
N ILE C 219 -15.95 15.52 8.69
CA ILE C 219 -15.23 16.78 8.83
C ILE C 219 -15.84 17.56 9.97
N ILE C 220 -15.00 18.13 10.83
CA ILE C 220 -15.44 18.92 11.98
C ILE C 220 -15.15 20.37 11.63
N PHE C 221 -16.16 21.06 11.11
CA PHE C 221 -16.02 22.47 10.76
C PHE C 221 -16.57 23.35 11.88
N CYS C 222 -15.97 24.53 12.03
CA CYS C 222 -16.31 25.44 13.12
C CYS C 222 -16.62 26.82 12.55
N VAL C 223 -17.75 27.39 12.99
CA VAL C 223 -18.17 28.72 12.58
C VAL C 223 -18.55 29.50 13.84
N ALA C 224 -17.91 30.66 14.03
CA ALA C 224 -18.22 31.50 15.16
C ALA C 224 -19.46 32.35 14.88
N LEU C 225 -20.37 32.40 15.84
CA LEU C 225 -21.62 33.12 15.70
C LEU C 225 -21.47 34.63 15.93
N SER C 226 -20.37 35.07 16.54
CA SER C 226 -20.14 36.48 16.81
C SER C 226 -19.54 37.21 15.62
N ASP C 227 -19.48 36.57 14.45
CA ASP C 227 -18.87 37.16 13.27
C ASP C 227 -19.86 37.92 12.39
N TYR C 228 -21.13 38.00 12.79
CA TYR C 228 -22.14 38.62 11.94
C TYR C 228 -21.89 40.12 11.77
N ASP C 229 -21.29 40.79 12.76
CA ASP C 229 -21.07 42.22 12.68
C ASP C 229 -19.60 42.58 12.72
N LEU C 230 -18.72 41.69 12.27
CA LEU C 230 -17.28 41.93 12.25
C LEU C 230 -16.78 41.87 10.81
N VAL C 231 -15.70 42.60 10.56
CA VAL C 231 -15.07 42.62 9.25
C VAL C 231 -13.73 41.90 9.34
N LEU C 232 -13.22 41.47 8.19
CA LEU C 232 -11.95 40.77 8.15
C LEU C 232 -10.80 41.71 8.45
N ALA C 233 -9.59 41.16 8.49
CA ALA C 233 -8.41 41.98 8.72
C ALA C 233 -8.26 43.04 7.64
N GLU C 234 -8.59 42.70 6.40
CA GLU C 234 -8.59 43.66 5.30
C GLU C 234 -9.97 44.29 5.21
N ASP C 235 -10.04 45.61 5.36
CA ASP C 235 -11.33 46.31 5.32
C ASP C 235 -11.97 46.16 3.94
N GLU C 236 -13.01 45.34 3.87
CA GLU C 236 -13.70 45.06 2.62
C GLU C 236 -15.18 44.84 2.90
N GLU C 237 -15.95 44.73 1.82
CA GLU C 237 -17.38 44.48 1.97
C GLU C 237 -17.65 43.05 2.45
N MET C 238 -16.67 42.16 2.31
CA MET C 238 -16.83 40.78 2.75
C MET C 238 -16.94 40.72 4.28
N ASN C 239 -17.94 39.99 4.76
CA ASN C 239 -18.18 39.84 6.19
C ASN C 239 -17.51 38.57 6.71
N ARG C 240 -17.20 38.59 8.01
CA ARG C 240 -16.58 37.44 8.65
C ARG C 240 -17.49 36.22 8.66
N MET C 241 -18.81 36.41 8.59
CA MET C 241 -19.72 35.27 8.51
C MET C 241 -19.80 34.72 7.09
N HIS C 242 -19.76 35.60 6.08
CA HIS C 242 -19.77 35.14 4.70
C HIS C 242 -18.47 34.44 4.33
N ALA C 243 -17.37 34.79 5.01
CA ALA C 243 -16.09 34.13 4.74
C ALA C 243 -16.17 32.65 5.09
N SER C 244 -16.86 32.30 6.18
CA SER C 244 -17.04 30.90 6.52
C SER C 244 -17.99 30.21 5.54
N MET C 245 -18.95 30.94 4.99
CA MET C 245 -19.87 30.35 4.01
C MET C 245 -19.15 29.98 2.73
N LYS C 246 -18.18 30.81 2.33
CA LYS C 246 -17.41 30.52 1.12
C LYS C 246 -16.57 29.26 1.29
N LEU C 247 -15.92 29.11 2.45
CA LEU C 247 -15.11 27.93 2.70
C LEU C 247 -15.98 26.70 2.91
N PHE C 248 -17.16 26.89 3.49
CA PHE C 248 -18.06 25.75 3.71
C PHE C 248 -18.61 25.23 2.40
N ASP C 249 -18.93 26.12 1.46
CA ASP C 249 -19.46 25.69 0.17
C ASP C 249 -18.38 25.00 -0.66
N SER C 250 -17.12 25.44 -0.50
CA SER C 250 -16.03 24.87 -1.28
C SER C 250 -15.74 23.43 -0.85
N ILE C 251 -15.61 23.21 0.46
CA ILE C 251 -15.27 21.87 0.95
C ILE C 251 -16.43 20.91 0.73
N CYS C 252 -17.66 21.43 0.69
CA CYS C 252 -18.81 20.57 0.49
C CYS C 252 -18.93 20.14 -0.97
N ASN C 253 -18.61 21.04 -1.90
CA ASN C 253 -18.72 20.74 -3.33
C ASN C 253 -17.44 20.19 -3.92
N ASN C 254 -16.40 19.97 -3.12
CA ASN C 254 -15.17 19.40 -3.63
C ASN C 254 -15.42 17.99 -4.19
N LYS C 255 -14.76 17.68 -5.31
CA LYS C 255 -14.89 16.37 -5.94
C LYS C 255 -14.36 15.27 -5.03
N TRP C 256 -13.35 15.59 -4.22
CA TRP C 256 -12.80 14.59 -3.31
C TRP C 256 -13.78 14.25 -2.20
N PHE C 257 -14.48 15.24 -1.66
CA PHE C 257 -15.43 15.05 -0.57
C PHE C 257 -16.84 15.04 -1.15
N THR C 258 -17.34 13.85 -1.48
CA THR C 258 -18.68 13.67 -2.00
C THR C 258 -19.64 13.04 -1.00
N ASP C 259 -19.21 12.01 -0.26
CA ASP C 259 -20.04 11.36 0.73
C ASP C 259 -19.58 11.57 2.16
N THR C 260 -18.54 12.37 2.38
CA THR C 260 -18.05 12.63 3.73
C THR C 260 -18.94 13.66 4.41
N SER C 261 -19.51 13.28 5.55
CA SER C 261 -20.42 14.16 6.29
C SER C 261 -19.71 15.28 7.03
N ILE C 262 -20.47 16.28 7.46
CA ILE C 262 -19.87 17.43 8.14
C ILE C 262 -20.47 17.64 9.52
N ILE C 263 -19.62 17.81 10.53
CA ILE C 263 -20.11 18.11 11.88
C ILE C 263 -19.85 19.59 12.17
N LEU C 264 -20.86 20.44 12.02
CA LEU C 264 -20.74 21.88 12.19
C LEU C 264 -20.94 22.24 13.66
N PHE C 265 -19.95 22.90 14.25
CA PHE C 265 -20.00 23.36 15.63
C PHE C 265 -20.06 24.88 15.64
N LEU C 266 -21.23 25.43 15.99
CA LEU C 266 -21.40 26.88 16.08
C LEU C 266 -20.82 27.36 17.39
N ASN C 267 -19.69 28.05 17.33
CA ASN C 267 -18.99 28.48 18.53
C ASN C 267 -19.50 29.85 19.00
N LYS C 268 -19.19 30.17 20.25
CA LYS C 268 -19.56 31.45 20.88
C LYS C 268 -21.07 31.69 20.78
N LYS C 269 -21.84 30.77 21.37
CA LYS C 269 -23.29 30.93 21.42
C LYS C 269 -23.72 31.96 22.45
N ASP C 270 -22.87 32.27 23.44
CA ASP C 270 -23.24 33.22 24.48
C ASP C 270 -23.08 34.66 24.00
N LEU C 271 -21.93 34.98 23.39
CA LEU C 271 -21.70 36.33 22.91
C LEU C 271 -22.64 36.70 21.77
N PHE C 272 -23.15 35.70 21.03
CA PHE C 272 -24.06 35.97 19.94
C PHE C 272 -25.35 36.59 20.43
N GLU C 273 -25.88 36.10 21.56
CA GLU C 273 -27.14 36.61 22.09
C GLU C 273 -27.00 38.06 22.55
N GLU C 274 -25.86 38.38 23.17
CA GLU C 274 -25.68 39.72 23.73
C GLU C 274 -25.48 40.76 22.64
N LYS C 275 -24.79 40.40 21.56
CA LYS C 275 -24.44 41.37 20.53
C LYS C 275 -25.65 41.71 19.65
N ILE C 276 -26.50 40.71 19.38
CA ILE C 276 -27.66 40.96 18.52
C ILE C 276 -28.68 41.83 19.24
N LYS C 277 -28.65 41.87 20.57
CA LYS C 277 -29.55 42.76 21.31
C LYS C 277 -29.16 44.21 21.11
N LYS C 278 -27.87 44.49 20.92
CA LYS C 278 -27.41 45.86 20.75
C LYS C 278 -27.39 46.30 19.29
N SER C 279 -27.13 45.38 18.37
CA SER C 279 -27.04 45.68 16.95
C SER C 279 -27.91 44.70 16.18
N PRO C 280 -28.66 45.18 15.20
CA PRO C 280 -29.54 44.28 14.44
C PRO C 280 -28.75 43.34 13.55
N LEU C 281 -29.37 42.21 13.20
CA LEU C 281 -28.75 41.23 12.32
C LEU C 281 -28.71 41.68 10.87
N THR C 282 -29.35 42.79 10.52
CA THR C 282 -29.42 43.24 9.15
C THR C 282 -28.06 43.64 8.57
N ILE C 283 -27.01 43.71 9.39
CA ILE C 283 -25.69 44.05 8.88
C ILE C 283 -25.18 42.96 7.96
N CYS C 284 -25.22 41.71 8.43
CA CYS C 284 -24.75 40.60 7.60
C CYS C 284 -25.84 40.09 6.67
N TYR C 285 -27.07 39.94 7.18
CA TYR C 285 -28.21 39.46 6.41
C TYR C 285 -29.26 40.56 6.35
N PRO C 286 -29.18 41.46 5.36
CA PRO C 286 -30.19 42.53 5.27
C PRO C 286 -31.58 42.02 4.93
N GLU C 287 -31.70 40.95 4.16
CA GLU C 287 -33.02 40.44 3.80
C GLU C 287 -33.69 39.70 4.96
N TYR C 288 -32.97 39.50 6.07
CA TYR C 288 -33.53 38.83 7.24
C TYR C 288 -34.56 39.75 7.89
N ALA C 289 -35.84 39.39 7.79
CA ALA C 289 -36.93 40.16 8.37
C ALA C 289 -37.64 39.27 9.38
N GLY C 290 -37.37 39.53 10.66
CA GLY C 290 -38.00 38.75 11.72
C GLY C 290 -37.69 39.36 13.08
N SER C 291 -38.09 38.63 14.12
CA SER C 291 -37.87 39.09 15.47
C SER C 291 -36.40 38.96 15.84
N ASN C 292 -35.86 40.00 16.48
CA ASN C 292 -34.45 40.03 16.85
C ASN C 292 -34.27 39.33 18.19
N THR C 293 -34.16 38.00 18.16
CA THR C 293 -33.95 37.22 19.37
C THR C 293 -32.85 36.20 19.10
N TYR C 294 -32.50 35.45 20.15
CA TYR C 294 -31.42 34.47 20.03
C TYR C 294 -31.85 33.28 19.15
N GLU C 295 -32.97 32.65 19.49
CA GLU C 295 -33.40 31.46 18.78
C GLU C 295 -33.76 31.76 17.34
N GLU C 296 -34.43 32.91 17.11
CA GLU C 296 -34.89 33.23 15.76
C GLU C 296 -33.73 33.57 14.84
N ALA C 297 -32.75 34.33 15.35
CA ALA C 297 -31.61 34.72 14.51
C ALA C 297 -30.68 33.56 14.27
N ALA C 298 -30.43 32.74 15.29
CA ALA C 298 -29.52 31.60 15.13
C ALA C 298 -30.10 30.57 14.17
N ALA C 299 -31.43 30.44 14.12
CA ALA C 299 -32.04 29.49 13.20
C ALA C 299 -31.86 29.91 11.76
N TYR C 300 -31.88 31.22 11.48
CA TYR C 300 -31.68 31.69 10.11
C TYR C 300 -30.25 31.47 9.66
N ILE C 301 -29.28 31.63 10.57
CA ILE C 301 -27.89 31.40 10.21
C ILE C 301 -27.64 29.93 9.95
N GLN C 302 -28.28 29.05 10.72
CA GLN C 302 -28.10 27.61 10.52
C GLN C 302 -28.64 27.18 9.17
N CYS C 303 -29.76 27.76 8.73
CA CYS C 303 -30.34 27.39 7.44
C CYS C 303 -29.43 27.83 6.29
N GLN C 304 -28.77 28.97 6.45
CA GLN C 304 -27.90 29.46 5.38
C GLN C 304 -26.73 28.52 5.14
N PHE C 305 -26.16 27.96 6.22
CA PHE C 305 -25.04 27.04 6.04
C PHE C 305 -25.53 25.68 5.54
N GLU C 306 -26.70 25.23 5.99
CA GLU C 306 -27.22 23.95 5.54
C GLU C 306 -27.74 23.99 4.10
N ASP C 307 -28.12 25.18 3.61
CA ASP C 307 -28.56 25.30 2.23
C ASP C 307 -27.41 25.33 1.23
N LEU C 308 -26.17 25.48 1.69
CA LEU C 308 -25.02 25.43 0.79
C LEU C 308 -24.74 24.02 0.28
N ASN C 309 -25.23 22.99 0.96
CA ASN C 309 -25.03 21.62 0.52
C ASN C 309 -25.90 21.35 -0.70
N LYS C 310 -25.27 21.21 -1.87
CA LYS C 310 -26.02 20.94 -3.10
C LYS C 310 -26.49 19.49 -3.14
N ARG C 311 -25.59 18.55 -2.86
CA ARG C 311 -25.93 17.13 -2.86
C ARG C 311 -26.55 16.77 -1.51
N LYS C 312 -27.88 16.94 -1.41
CA LYS C 312 -28.57 16.60 -0.18
C LYS C 312 -28.64 15.09 0.01
N ASP C 313 -28.63 14.33 -1.08
CA ASP C 313 -28.83 12.88 -1.00
C ASP C 313 -27.57 12.18 -0.50
N THR C 314 -26.40 12.55 -1.04
CA THR C 314 -25.20 11.80 -0.76
C THR C 314 -24.65 12.09 0.63
N LYS C 315 -24.56 13.37 1.00
CA LYS C 315 -23.97 13.77 2.27
C LYS C 315 -24.98 14.52 3.11
N GLU C 316 -24.81 14.43 4.43
CA GLU C 316 -25.70 15.06 5.39
C GLU C 316 -24.88 15.86 6.41
N ILE C 317 -25.37 17.06 6.72
CA ILE C 317 -24.70 17.95 7.67
C ILE C 317 -25.27 17.72 9.06
N TYR C 318 -24.41 17.83 10.07
CA TYR C 318 -24.80 17.65 11.47
C TYR C 318 -24.45 18.93 12.22
N THR C 319 -25.44 19.79 12.41
CA THR C 319 -25.23 21.06 13.10
C THR C 319 -25.44 20.90 14.60
N HIS C 320 -24.58 21.57 15.37
CA HIS C 320 -24.64 21.51 16.83
C HIS C 320 -24.11 22.81 17.40
N PHE C 321 -24.50 23.11 18.64
CA PHE C 321 -24.07 24.29 19.35
C PHE C 321 -23.04 23.90 20.39
N THR C 322 -21.93 24.63 20.44
CA THR C 322 -20.83 24.30 21.34
C THR C 322 -21.21 24.63 22.77
N CYS C 323 -21.36 23.60 23.60
CA CYS C 323 -21.59 23.82 25.01
C CYS C 323 -20.27 24.10 25.72
N SER C 324 -20.22 25.23 26.43
CA SER C 324 -18.98 25.64 27.08
C SER C 324 -18.69 24.79 28.32
N THR C 325 -19.59 24.84 29.30
CA THR C 325 -19.35 24.10 30.54
C THR C 325 -19.61 22.61 30.34
N ASP C 326 -20.60 22.27 29.51
CA ASP C 326 -20.95 20.87 29.31
C ASP C 326 -19.95 20.09 28.47
N THR C 327 -20.04 18.77 28.52
CA THR C 327 -19.13 17.91 27.76
C THR C 327 -19.88 17.30 26.58
N LYS C 328 -20.97 17.94 26.17
CA LYS C 328 -21.78 17.41 25.08
C LYS C 328 -21.02 17.27 23.77
N ASN C 329 -20.12 18.20 23.47
CA ASN C 329 -19.41 18.16 22.20
C ASN C 329 -18.84 16.79 21.85
N VAL C 330 -18.11 16.17 22.77
CA VAL C 330 -17.53 14.85 22.54
C VAL C 330 -18.62 13.80 22.37
N GLN C 331 -19.79 14.04 22.97
CA GLN C 331 -20.89 13.10 22.82
C GLN C 331 -21.57 13.26 21.46
N PHE C 332 -21.66 14.49 20.96
CA PHE C 332 -22.28 14.70 19.66
C PHE C 332 -21.44 14.07 18.55
N VAL C 333 -20.11 14.15 18.66
CA VAL C 333 -19.25 13.50 17.67
C VAL C 333 -19.42 11.99 17.73
N PHE C 334 -19.56 11.44 18.94
CA PHE C 334 -19.77 10.00 19.09
C PHE C 334 -21.07 9.57 18.41
N ASP C 335 -22.14 10.35 18.59
CA ASP C 335 -23.41 10.03 17.94
C ASP C 335 -23.31 10.21 16.43
N ALA C 336 -22.53 11.21 15.99
CA ALA C 336 -22.41 11.48 14.56
C ALA C 336 -21.54 10.43 13.86
N VAL C 337 -20.41 10.06 14.49
CA VAL C 337 -19.52 9.10 13.86
C VAL C 337 -20.18 7.72 13.78
N THR C 338 -20.82 7.29 14.87
CA THR C 338 -21.50 6.00 14.85
C THR C 338 -22.65 6.00 13.84
N ASP C 339 -23.30 7.15 13.64
CA ASP C 339 -24.37 7.22 12.66
C ASP C 339 -23.84 7.10 11.24
N VAL C 340 -22.73 7.78 10.94
CA VAL C 340 -22.15 7.70 9.60
C VAL C 340 -21.64 6.30 9.30
N ILE C 341 -21.05 5.65 10.31
CA ILE C 341 -20.54 4.29 10.11
C ILE C 341 -21.69 3.32 9.84
N ILE C 342 -22.80 3.49 10.56
CA ILE C 342 -23.97 2.65 10.30
C ILE C 342 -24.53 2.92 8.92
N LYS C 343 -24.59 4.20 8.53
CA LYS C 343 -25.03 4.55 7.18
C LYS C 343 -24.06 4.08 6.12
N ASN C 344 -22.80 3.82 6.48
CA ASN C 344 -21.80 3.34 5.53
C ASN C 344 -21.66 1.82 5.53
N ASN C 345 -21.86 1.18 6.68
CA ASN C 345 -21.78 -0.27 6.74
C ASN C 345 -22.92 -0.92 5.95
N LEU C 346 -24.11 -0.31 5.99
CA LEU C 346 -25.22 -0.84 5.21
C LEU C 346 -25.00 -0.62 3.71
N LYS C 347 -24.22 0.40 3.35
CA LYS C 347 -23.94 0.64 1.95
C LYS C 347 -23.08 -0.47 1.35
N ASP C 348 -22.30 -1.16 2.18
CA ASP C 348 -21.47 -2.26 1.71
C ASP C 348 -22.02 -3.63 2.07
N CYS C 349 -23.31 -3.73 2.42
CA CYS C 349 -23.94 -4.99 2.76
C CYS C 349 -25.17 -5.31 1.93
N GLY C 350 -25.67 -4.37 1.13
CA GLY C 350 -26.79 -4.62 0.25
C GLY C 350 -28.13 -4.14 0.74
N LEU C 351 -28.22 -3.58 1.95
CA LEU C 351 -29.51 -3.12 2.45
C LEU C 351 -29.93 -1.82 1.79
N PHE C 352 -28.99 -0.89 1.62
CA PHE C 352 -29.28 0.38 0.97
C PHE C 352 -29.32 0.23 -0.54
N ALA D 31 -48.14 -36.61 -22.46
CA ALA D 31 -49.47 -36.04 -22.28
C ALA D 31 -49.79 -35.03 -23.37
N ALA D 32 -50.49 -33.95 -23.02
CA ALA D 32 -50.89 -32.97 -24.03
C ALA D 32 -49.89 -31.83 -24.16
N TRP D 33 -49.77 -31.02 -23.12
CA TRP D 33 -48.87 -29.87 -23.16
C TRP D 33 -47.53 -30.14 -22.48
N THR D 34 -47.26 -31.39 -22.15
CA THR D 34 -46.03 -31.72 -21.42
C THR D 34 -44.77 -31.35 -22.18
N ALA D 35 -44.76 -31.53 -23.50
CA ALA D 35 -43.60 -31.14 -24.28
C ALA D 35 -43.35 -29.64 -24.15
N VAL D 36 -44.41 -28.86 -24.18
CA VAL D 36 -44.26 -27.41 -24.01
C VAL D 36 -43.72 -27.10 -22.62
N LEU D 37 -44.22 -27.82 -21.61
CA LEU D 37 -43.75 -27.61 -20.25
C LEU D 37 -42.27 -27.94 -20.12
N ALA D 38 -41.84 -29.01 -20.77
CA ALA D 38 -40.45 -29.41 -20.73
C ALA D 38 -39.58 -28.32 -21.34
N ALA D 39 -40.03 -27.73 -22.43
CA ALA D 39 -39.28 -26.64 -23.06
C ALA D 39 -39.18 -25.44 -22.12
N LEU D 40 -40.26 -25.13 -21.41
CA LEU D 40 -40.25 -24.03 -20.46
C LEU D 40 -39.28 -24.30 -19.33
N MET D 41 -39.25 -25.54 -18.85
CA MET D 41 -38.32 -25.90 -17.79
C MET D 41 -36.90 -25.76 -18.29
N ALA D 42 -36.65 -26.18 -19.54
CA ALA D 42 -35.31 -26.07 -20.11
C ALA D 42 -34.90 -24.61 -20.22
N LEU D 43 -35.83 -23.75 -20.58
CA LEU D 43 -35.54 -22.33 -20.69
C LEU D 43 -35.14 -21.79 -19.33
N LEU D 44 -35.82 -22.23 -18.28
CA LEU D 44 -35.47 -21.79 -16.93
C LEU D 44 -34.06 -22.23 -16.54
N ILE D 45 -33.67 -23.45 -16.91
CA ILE D 45 -32.33 -23.93 -16.58
C ILE D 45 -31.31 -23.04 -17.27
N VAL D 46 -31.57 -22.69 -18.52
CA VAL D 46 -30.62 -21.86 -19.25
C VAL D 46 -30.53 -20.51 -18.56
N ALA D 47 -31.68 -19.96 -18.16
CA ALA D 47 -31.69 -18.64 -17.55
C ALA D 47 -30.91 -18.60 -16.24
N THR D 48 -31.10 -19.60 -15.38
CA THR D 48 -30.42 -19.58 -14.09
C THR D 48 -28.90 -19.67 -14.26
N VAL D 49 -28.43 -20.55 -15.14
CA VAL D 49 -27.01 -20.72 -15.34
C VAL D 49 -26.42 -19.42 -15.85
N LEU D 50 -27.12 -18.76 -16.78
CA LEU D 50 -26.62 -17.51 -17.33
C LEU D 50 -26.51 -16.41 -16.27
N GLY D 51 -27.50 -16.32 -15.39
CA GLY D 51 -27.46 -15.32 -14.34
C GLY D 51 -26.30 -15.57 -13.41
N ASN D 52 -26.08 -16.82 -13.04
CA ASN D 52 -24.96 -17.17 -12.17
C ASN D 52 -23.66 -16.87 -12.88
N ALA D 53 -23.62 -17.14 -14.19
CA ALA D 53 -22.42 -16.85 -14.96
C ALA D 53 -22.12 -15.36 -14.97
N LEU D 54 -23.16 -14.55 -15.08
CA LEU D 54 -22.97 -13.10 -15.09
C LEU D 54 -22.36 -12.63 -13.78
N VAL D 55 -22.85 -13.18 -12.66
CA VAL D 55 -22.30 -12.81 -11.36
C VAL D 55 -20.83 -13.23 -11.30
N MET D 56 -20.53 -14.42 -11.81
CA MET D 56 -19.15 -14.88 -11.83
C MET D 56 -18.30 -13.96 -12.68
N LEU D 57 -18.82 -13.55 -13.82
CA LEU D 57 -18.05 -12.69 -14.73
C LEU D 57 -17.77 -11.34 -14.10
N ALA D 58 -18.77 -10.77 -13.44
CA ALA D 58 -18.59 -9.47 -12.81
C ALA D 58 -17.50 -9.56 -11.75
N PHE D 59 -17.50 -10.64 -10.98
CA PHE D 59 -16.47 -10.83 -9.97
C PHE D 59 -15.10 -10.94 -10.61
N VAL D 60 -15.00 -11.70 -11.68
CA VAL D 60 -13.71 -11.88 -12.37
C VAL D 60 -13.21 -10.58 -12.98
N ALA D 61 -14.11 -9.82 -13.61
CA ALA D 61 -13.69 -8.61 -14.29
C ALA D 61 -13.38 -7.46 -13.34
N ASP D 62 -14.10 -7.38 -12.22
CA ASP D 62 -13.91 -6.27 -11.29
C ASP D 62 -13.05 -6.60 -10.08
N SER D 63 -11.90 -5.95 -9.97
CA SER D 63 -10.99 -6.17 -8.85
C SER D 63 -11.60 -5.77 -7.51
N SER D 64 -12.48 -4.78 -7.53
CA SER D 64 -13.06 -4.25 -6.29
C SER D 64 -14.04 -5.16 -5.56
N LEU D 65 -14.35 -6.32 -6.13
CA LEU D 65 -15.21 -7.24 -5.40
C LEU D 65 -14.37 -8.05 -4.44
N ARG D 66 -13.90 -7.42 -3.37
CA ARG D 66 -13.04 -8.11 -2.41
C ARG D 66 -13.49 -7.89 -0.98
N THR D 67 -14.80 -7.94 -0.74
CA THR D 67 -15.30 -7.81 0.61
C THR D 67 -15.76 -9.16 1.08
N GLN D 68 -15.82 -9.33 2.39
CA GLN D 68 -16.28 -10.59 2.95
C GLN D 68 -17.67 -10.86 2.39
N ASN D 69 -18.51 -9.83 2.32
CA ASN D 69 -19.87 -9.99 1.82
C ASN D 69 -19.93 -10.42 0.36
N ASN D 70 -19.09 -9.82 -0.48
CA ASN D 70 -19.08 -10.18 -1.90
C ASN D 70 -18.67 -11.63 -2.06
N PHE D 71 -17.72 -12.08 -1.26
CA PHE D 71 -17.31 -13.48 -1.31
C PHE D 71 -18.48 -14.39 -0.92
N PHE D 72 -19.23 -14.00 0.11
CA PHE D 72 -20.38 -14.80 0.52
C PHE D 72 -21.39 -14.88 -0.61
N LEU D 73 -21.65 -13.75 -1.27
CA LEU D 73 -22.60 -13.72 -2.37
C LEU D 73 -22.10 -14.59 -3.52
N LEU D 74 -20.80 -14.53 -3.80
CA LEU D 74 -20.22 -15.36 -4.84
C LEU D 74 -20.35 -16.84 -4.51
N ASN D 75 -20.08 -17.20 -3.25
CA ASN D 75 -20.17 -18.59 -2.85
C ASN D 75 -21.60 -19.01 -3.04
N LEU D 76 -22.53 -18.10 -2.77
CA LEU D 76 -23.94 -18.44 -3.00
C LEU D 76 -24.22 -18.64 -4.48
N ALA D 77 -23.64 -17.78 -5.33
CA ALA D 77 -23.82 -17.96 -6.77
C ALA D 77 -23.17 -19.24 -7.26
N ILE D 78 -22.01 -19.58 -6.71
CA ILE D 78 -21.35 -20.85 -7.05
C ILE D 78 -22.25 -22.02 -6.68
N SER D 79 -22.81 -21.99 -5.46
CA SER D 79 -23.69 -23.06 -5.03
C SER D 79 -24.94 -23.15 -5.90
N ASP D 80 -25.46 -21.98 -6.33
CA ASP D 80 -26.65 -21.98 -7.18
C ASP D 80 -26.36 -22.60 -8.54
N PHE D 81 -25.26 -22.18 -9.17
CA PHE D 81 -24.88 -22.77 -10.45
C PHE D 81 -24.63 -24.27 -10.30
N LEU D 82 -23.97 -24.68 -9.21
CA LEU D 82 -23.72 -26.10 -8.98
C LEU D 82 -25.02 -26.88 -8.88
N VAL D 83 -25.92 -26.46 -7.99
CA VAL D 83 -27.16 -27.21 -7.79
C VAL D 83 -27.96 -27.26 -9.08
N GLY D 84 -28.08 -26.13 -9.78
CA GLY D 84 -28.79 -26.15 -11.05
C GLY D 84 -28.18 -27.12 -12.03
N ALA D 85 -26.95 -26.85 -12.48
CA ALA D 85 -26.34 -27.62 -13.56
C ALA D 85 -26.20 -29.09 -13.19
N PHE D 86 -26.14 -29.41 -11.89
CA PHE D 86 -25.99 -30.80 -11.50
C PHE D 86 -27.35 -31.50 -11.43
N CYS D 87 -28.29 -30.94 -10.66
CA CYS D 87 -29.51 -31.69 -10.36
C CYS D 87 -30.53 -31.59 -11.49
N ILE D 88 -30.73 -30.40 -12.04
CA ILE D 88 -31.86 -30.21 -12.95
C ILE D 88 -31.67 -31.01 -14.25
N PRO D 89 -30.51 -30.94 -14.93
CA PRO D 89 -30.38 -31.74 -16.17
C PRO D 89 -30.40 -33.23 -15.93
N LEU D 90 -30.16 -33.68 -14.69
CA LEU D 90 -30.24 -35.11 -14.40
C LEU D 90 -31.67 -35.53 -14.07
N TYR D 91 -32.42 -34.63 -13.40
CA TYR D 91 -33.79 -34.96 -13.04
C TYR D 91 -34.76 -34.73 -14.19
N VAL D 92 -34.34 -34.01 -15.23
CA VAL D 92 -35.19 -33.82 -16.40
C VAL D 92 -35.55 -35.13 -17.08
N PRO D 93 -34.61 -36.02 -17.42
CA PRO D 93 -35.01 -37.30 -18.04
C PRO D 93 -35.85 -38.18 -17.12
N TYR D 94 -35.76 -37.98 -15.81
CA TYR D 94 -36.59 -38.73 -14.88
C TYR D 94 -38.06 -38.43 -15.10
N VAL D 95 -38.38 -37.17 -15.38
CA VAL D 95 -39.78 -36.79 -15.63
C VAL D 95 -40.14 -37.00 -17.10
N LEU D 96 -39.14 -36.91 -17.99
CA LEU D 96 -39.41 -37.06 -19.43
C LEU D 96 -40.00 -38.43 -19.73
N THR D 97 -39.31 -39.50 -19.35
CA THR D 97 -39.78 -40.85 -19.62
C THR D 97 -40.58 -41.43 -18.46
N GLY D 98 -40.82 -40.67 -17.40
CA GLY D 98 -41.53 -41.16 -16.25
C GLY D 98 -40.76 -42.13 -15.38
N ARG D 99 -39.48 -42.35 -15.67
CA ARG D 99 -38.66 -43.30 -14.91
C ARG D 99 -37.20 -42.90 -15.10
N TRP D 100 -36.36 -43.40 -14.20
CA TRP D 100 -34.94 -43.13 -14.28
C TRP D 100 -34.32 -43.86 -15.47
N THR D 101 -33.54 -43.14 -16.26
CA THR D 101 -33.02 -43.63 -17.53
C THR D 101 -31.67 -44.31 -17.40
N PHE D 102 -31.21 -44.57 -16.18
CA PHE D 102 -29.94 -45.24 -15.94
C PHE D 102 -30.14 -46.35 -14.92
N GLY D 103 -29.07 -47.10 -14.67
CA GLY D 103 -29.12 -48.11 -13.63
C GLY D 103 -28.92 -47.49 -12.26
N ARG D 104 -29.14 -48.28 -11.20
CA ARG D 104 -29.05 -47.75 -9.84
C ARG D 104 -27.69 -47.26 -9.40
N GLY D 105 -27.67 -46.31 -8.48
CA GLY D 105 -26.42 -45.75 -7.99
C GLY D 105 -26.09 -44.49 -8.73
N LEU D 106 -26.59 -44.36 -9.96
CA LEU D 106 -26.33 -43.16 -10.74
C LEU D 106 -27.05 -42.02 -10.07
N CYS D 107 -28.32 -42.22 -9.76
CA CYS D 107 -29.12 -41.20 -9.11
C CYS D 107 -28.71 -40.80 -7.66
N LYS D 108 -28.24 -41.73 -6.84
CA LYS D 108 -27.78 -41.32 -5.50
C LYS D 108 -26.87 -40.11 -5.56
N LEU D 109 -25.95 -40.06 -6.52
CA LEU D 109 -25.10 -38.89 -6.73
C LEU D 109 -25.94 -37.64 -6.95
N TRP D 110 -26.97 -37.75 -7.78
CA TRP D 110 -27.90 -36.63 -7.98
C TRP D 110 -28.54 -36.21 -6.66
N LEU D 111 -29.02 -37.18 -5.89
CA LEU D 111 -29.64 -36.88 -4.60
C LEU D 111 -28.67 -36.12 -3.69
N VAL D 112 -27.45 -36.64 -3.54
CA VAL D 112 -26.52 -36.06 -2.58
C VAL D 112 -26.08 -34.67 -3.02
N VAL D 113 -25.82 -34.48 -4.32
CA VAL D 113 -25.37 -33.16 -4.77
C VAL D 113 -26.50 -32.15 -4.64
N ASP D 114 -27.73 -32.54 -4.98
CA ASP D 114 -28.87 -31.63 -4.86
C ASP D 114 -29.06 -31.21 -3.40
N TYR D 115 -29.08 -32.19 -2.52
CA TYR D 115 -29.27 -31.91 -1.12
C TYR D 115 -28.09 -31.13 -0.54
N LEU D 116 -26.88 -31.45 -0.96
CA LEU D 116 -25.69 -30.73 -0.47
C LEU D 116 -25.71 -29.28 -0.86
N LEU D 117 -26.08 -29.00 -2.10
CA LEU D 117 -26.03 -27.62 -2.57
C LEU D 117 -27.22 -26.82 -2.08
N CYS D 118 -28.35 -27.48 -1.85
CA CYS D 118 -29.50 -26.79 -1.28
C CYS D 118 -29.25 -26.37 0.17
N THR D 119 -28.75 -27.28 1.00
CA THR D 119 -28.40 -26.93 2.37
C THR D 119 -27.29 -25.89 2.41
N SER D 120 -26.36 -25.95 1.45
CA SER D 120 -25.30 -24.95 1.38
C SER D 120 -25.86 -23.57 1.10
N SER D 121 -26.80 -23.48 0.16
CA SER D 121 -27.43 -22.19 -0.15
C SER D 121 -28.22 -21.68 1.05
N ALA D 122 -28.91 -22.58 1.75
CA ALA D 122 -29.66 -22.18 2.94
C ALA D 122 -28.73 -21.60 4.01
N PHE D 123 -27.67 -22.33 4.33
CA PHE D 123 -26.72 -21.82 5.32
C PHE D 123 -26.02 -20.56 4.84
N ASN D 124 -25.86 -20.41 3.52
CA ASN D 124 -25.23 -19.20 2.99
C ASN D 124 -26.13 -17.99 3.18
N ILE D 125 -27.43 -18.12 2.90
CA ILE D 125 -28.32 -16.99 3.12
C ILE D 125 -28.46 -16.70 4.61
N VAL D 126 -28.38 -17.75 5.45
CA VAL D 126 -28.37 -17.54 6.89
C VAL D 126 -27.15 -16.73 7.31
N LEU D 127 -25.98 -17.08 6.76
CA LEU D 127 -24.76 -16.36 7.09
C LEU D 127 -24.80 -14.92 6.59
N ILE D 128 -25.40 -14.70 5.42
CA ILE D 128 -25.52 -13.34 4.89
C ILE D 128 -26.44 -12.50 5.77
N SER D 129 -27.56 -13.10 6.23
CA SER D 129 -28.45 -12.39 7.14
C SER D 129 -27.75 -12.07 8.46
N TYR D 130 -26.95 -13.02 8.96
CA TYR D 130 -26.22 -12.78 10.21
C TYR D 130 -25.19 -11.67 10.04
N ASP D 131 -24.52 -11.63 8.89
CA ASP D 131 -23.54 -10.57 8.64
C ASP D 131 -24.23 -9.22 8.51
N ARG D 132 -25.39 -9.18 7.84
CA ARG D 132 -26.13 -7.92 7.75
C ARG D 132 -26.63 -7.48 9.11
N PHE D 133 -27.00 -8.42 9.98
CA PHE D 133 -27.39 -8.06 11.34
C PHE D 133 -26.20 -7.52 12.13
N LEU D 134 -25.03 -8.12 11.94
CA LEU D 134 -23.83 -7.63 12.62
C LEU D 134 -23.37 -6.29 12.05
N SER D 135 -23.81 -5.95 10.84
CA SER D 135 -23.40 -4.69 10.23
C SER D 135 -23.92 -3.50 11.02
N VAL D 136 -25.21 -3.50 11.34
CA VAL D 136 -25.80 -2.38 12.08
C VAL D 136 -25.51 -2.50 13.57
N THR D 137 -25.44 -3.74 14.08
CA THR D 137 -25.20 -3.94 15.51
C THR D 137 -23.75 -3.69 15.86
N ARG D 138 -22.82 -4.42 15.24
CA ARG D 138 -21.39 -4.21 15.42
C ARG D 138 -20.96 -3.19 14.38
N ALA D 139 -21.02 -1.91 14.77
CA ALA D 139 -20.83 -0.84 13.79
C ALA D 139 -19.35 -0.64 13.45
N VAL D 140 -18.51 -0.42 14.47
CA VAL D 140 -17.13 0.01 14.24
C VAL D 140 -16.22 -1.17 13.97
N SER D 141 -16.44 -2.30 14.64
CA SER D 141 -15.57 -3.45 14.52
C SER D 141 -15.79 -4.23 13.22
N TYR D 142 -16.96 -4.09 12.60
CA TYR D 142 -17.22 -4.78 11.34
C TYR D 142 -16.48 -4.13 10.18
N ARG D 143 -16.17 -2.84 10.29
CA ARG D 143 -15.49 -2.12 9.20
C ARG D 143 -14.11 -2.71 8.94
N ALA D 144 -13.34 -2.94 10.00
CA ALA D 144 -11.98 -3.46 9.83
C ALA D 144 -12.00 -4.92 9.38
N GLN D 145 -12.89 -5.72 9.99
CA GLN D 145 -12.95 -7.15 9.69
C GLN D 145 -13.41 -7.47 8.27
N ASN D 146 -14.08 -6.53 7.61
CA ASN D 146 -14.45 -6.75 6.22
C ASN D 146 -13.28 -6.36 5.35
N GLY D 147 -13.19 -6.94 4.16
CA GLY D 147 -12.03 -6.68 3.32
C GLY D 147 -10.94 -7.62 3.75
N ASP D 148 -11.21 -8.45 4.75
CA ASP D 148 -10.25 -9.45 5.17
C ASP D 148 -10.88 -10.69 4.60
N THR D 149 -10.15 -11.40 3.77
CA THR D 149 -10.76 -12.54 3.11
C THR D 149 -10.55 -13.85 3.83
N ARG D 150 -9.61 -13.91 4.77
CA ARG D 150 -9.31 -15.20 5.37
C ARG D 150 -10.49 -15.71 6.21
N ARG D 151 -11.08 -14.82 7.01
CA ARG D 151 -12.24 -15.21 7.81
C ARG D 151 -13.42 -15.60 6.93
N ALA D 152 -13.62 -14.87 5.83
CA ALA D 152 -14.70 -15.21 4.91
C ALA D 152 -14.48 -16.58 4.29
N VAL D 153 -13.26 -16.87 3.84
CA VAL D 153 -12.95 -18.17 3.25
C VAL D 153 -13.17 -19.28 4.28
N ARG D 154 -12.68 -19.06 5.50
CA ARG D 154 -12.84 -20.06 6.56
C ARG D 154 -14.31 -20.32 6.84
N LYS D 155 -15.12 -19.27 6.89
CA LYS D 155 -16.53 -19.42 7.19
C LYS D 155 -17.26 -20.13 6.04
N MET D 156 -16.97 -19.75 4.81
CA MET D 156 -17.62 -20.37 3.66
C MET D 156 -17.28 -21.85 3.58
N LEU D 157 -16.02 -22.18 3.82
CA LEU D 157 -15.62 -23.58 3.78
C LEU D 157 -16.27 -24.36 4.91
N LEU D 158 -16.18 -23.85 6.14
CA LEU D 158 -16.77 -24.54 7.28
C LEU D 158 -18.25 -24.81 7.05
N VAL D 159 -18.99 -23.80 6.58
CA VAL D 159 -20.41 -23.97 6.30
C VAL D 159 -20.61 -25.07 5.25
N TRP D 160 -19.82 -25.05 4.18
CA TRP D 160 -20.00 -26.01 3.10
C TRP D 160 -19.73 -27.44 3.59
N VAL D 161 -18.61 -27.64 4.28
CA VAL D 161 -18.26 -28.98 4.74
C VAL D 161 -19.24 -29.46 5.80
N LEU D 162 -19.78 -28.53 6.59
CA LEU D 162 -20.77 -28.91 7.59
C LEU D 162 -22.06 -29.39 6.92
N ALA D 163 -22.57 -28.63 5.96
CA ALA D 163 -23.76 -29.07 5.23
C ALA D 163 -23.52 -30.40 4.53
N PHE D 164 -22.32 -30.57 3.95
CA PHE D 164 -22.00 -31.82 3.27
C PHE D 164 -22.01 -33.00 4.24
N LEU D 165 -21.26 -32.89 5.33
CA LEU D 165 -21.19 -34.00 6.29
C LEU D 165 -22.54 -34.26 6.94
N LEU D 166 -23.40 -33.23 7.00
CA LEU D 166 -24.72 -33.41 7.58
C LEU D 166 -25.63 -34.20 6.64
N TYR D 167 -25.70 -33.79 5.37
CA TYR D 167 -26.71 -34.36 4.49
C TYR D 167 -26.21 -35.59 3.75
N GLY D 168 -25.04 -35.50 3.13
CA GLY D 168 -24.56 -36.52 2.22
C GLY D 168 -24.39 -37.91 2.81
N PRO D 169 -23.44 -38.07 3.73
CA PRO D 169 -23.13 -39.41 4.25
C PRO D 169 -24.32 -40.14 4.85
N ALA D 170 -25.24 -39.41 5.49
CA ALA D 170 -26.40 -40.05 6.10
C ALA D 170 -27.24 -40.78 5.05
N ILE D 171 -27.68 -40.06 4.01
CA ILE D 171 -28.51 -40.68 2.98
C ILE D 171 -27.69 -41.65 2.14
N LEU D 172 -26.37 -41.45 2.09
CA LEU D 172 -25.51 -42.34 1.32
C LEU D 172 -25.40 -43.71 2.00
N SER D 173 -25.32 -43.72 3.33
CA SER D 173 -25.16 -44.96 4.07
C SER D 173 -26.48 -45.58 4.48
N TRP D 174 -27.58 -44.82 4.47
CA TRP D 174 -28.87 -45.40 4.84
C TRP D 174 -29.31 -46.45 3.83
N GLU D 175 -28.89 -46.31 2.57
CA GLU D 175 -29.22 -47.31 1.56
C GLU D 175 -28.54 -48.63 1.86
N TYR D 176 -27.27 -48.60 2.24
CA TYR D 176 -26.57 -49.82 2.62
C TYR D 176 -27.11 -50.37 3.93
N LEU D 177 -27.53 -49.50 4.84
CA LEU D 177 -28.04 -49.94 6.13
C LEU D 177 -29.37 -50.67 5.98
N SER D 178 -30.37 -49.98 5.42
CA SER D 178 -31.69 -50.60 5.28
C SER D 178 -31.70 -51.61 4.14
N GLY D 179 -31.43 -51.16 2.92
CA GLY D 179 -31.41 -52.04 1.77
C GLY D 179 -32.74 -52.19 1.05
N GLY D 180 -33.63 -51.20 1.14
CA GLY D 180 -34.94 -51.27 0.53
C GLY D 180 -34.93 -50.56 -0.81
N SER D 181 -35.03 -51.35 -1.88
CA SER D 181 -35.09 -50.86 -3.25
C SER D 181 -36.38 -51.40 -3.88
N SER D 182 -37.39 -50.54 -4.01
CA SER D 182 -38.66 -50.96 -4.56
C SER D 182 -38.54 -51.30 -6.05
N ILE D 183 -38.15 -50.32 -6.86
CA ILE D 183 -38.03 -50.52 -8.30
C ILE D 183 -36.77 -49.80 -8.79
N PRO D 184 -36.00 -50.41 -9.70
CA PRO D 184 -34.74 -49.78 -10.15
C PRO D 184 -34.94 -48.42 -10.79
N GLU D 185 -36.09 -48.19 -11.41
CA GLU D 185 -36.37 -46.95 -12.10
C GLU D 185 -37.31 -46.01 -11.34
N GLY D 186 -38.36 -46.57 -10.72
CA GLY D 186 -39.31 -45.73 -10.02
C GLY D 186 -38.80 -45.21 -8.69
N HIS D 187 -37.96 -45.98 -8.01
CA HIS D 187 -37.42 -45.58 -6.72
C HIS D 187 -36.25 -44.61 -6.92
N CYS D 188 -35.52 -44.37 -5.82
CA CYS D 188 -34.38 -43.44 -5.79
C CYS D 188 -34.84 -42.00 -5.97
N TYR D 189 -36.14 -41.77 -5.74
CA TYR D 189 -36.65 -40.40 -5.69
C TYR D 189 -36.05 -39.66 -4.51
N ALA D 190 -35.92 -40.33 -3.38
CA ALA D 190 -35.27 -39.80 -2.18
C ALA D 190 -34.87 -40.99 -1.33
N GLU D 191 -34.12 -40.74 -0.26
CA GLU D 191 -33.73 -41.81 0.64
C GLU D 191 -34.56 -41.74 1.90
N PHE D 192 -35.18 -42.85 2.28
CA PHE D 192 -36.03 -42.89 3.47
C PHE D 192 -37.13 -41.85 3.40
N PHE D 193 -37.71 -41.66 2.22
CA PHE D 193 -38.75 -40.65 2.05
C PHE D 193 -39.94 -40.86 2.99
N TYR D 194 -40.50 -42.06 3.04
CA TYR D 194 -41.67 -42.31 3.89
C TYR D 194 -41.20 -42.54 5.32
N ASN D 195 -40.99 -41.43 6.05
CA ASN D 195 -40.62 -41.48 7.45
C ASN D 195 -40.97 -40.14 8.09
N TRP D 196 -41.49 -40.19 9.32
CA TRP D 196 -41.93 -38.97 9.97
C TRP D 196 -40.79 -38.33 10.78
N TYR D 197 -40.06 -39.15 11.54
CA TYR D 197 -39.03 -38.64 12.45
C TYR D 197 -37.90 -37.92 11.71
N PHE D 198 -37.30 -38.61 10.73
CA PHE D 198 -36.15 -38.04 10.02
C PHE D 198 -36.54 -36.76 9.30
N LEU D 199 -37.67 -36.75 8.60
CA LEU D 199 -38.07 -35.56 7.86
C LEU D 199 -38.45 -34.43 8.80
N ILE D 200 -39.16 -34.73 9.89
CA ILE D 200 -39.57 -33.69 10.82
C ILE D 200 -38.36 -33.11 11.54
N THR D 201 -37.29 -33.90 11.66
CA THR D 201 -36.06 -33.38 12.26
C THR D 201 -35.25 -32.56 11.27
N ALA D 202 -35.17 -33.01 10.01
CA ALA D 202 -34.37 -32.30 9.02
C ALA D 202 -35.04 -30.99 8.60
N SER D 203 -36.38 -30.94 8.62
CA SER D 203 -37.07 -29.74 8.17
C SER D 203 -36.81 -28.57 9.10
N THR D 204 -36.79 -28.83 10.42
CA THR D 204 -36.53 -27.76 11.38
C THR D 204 -35.15 -27.15 11.17
N LEU D 205 -34.16 -27.99 10.85
CA LEU D 205 -32.81 -27.49 10.64
C LEU D 205 -32.65 -26.82 9.29
N GLU D 206 -33.38 -27.28 8.26
CA GLU D 206 -33.14 -26.78 6.92
C GLU D 206 -33.95 -25.52 6.62
N PHE D 207 -35.15 -25.39 7.20
CA PHE D 207 -36.01 -24.27 6.88
C PHE D 207 -36.51 -23.47 8.08
N PHE D 208 -36.84 -24.12 9.20
CA PHE D 208 -37.44 -23.42 10.33
C PHE D 208 -36.44 -22.53 11.06
N THR D 209 -35.28 -23.06 11.45
CA THR D 209 -34.26 -22.21 12.07
C THR D 209 -33.77 -21.13 11.11
N PRO D 210 -33.49 -21.42 9.83
CA PRO D 210 -33.15 -20.32 8.90
C PRO D 210 -34.23 -19.25 8.81
N PHE D 211 -35.49 -19.65 8.69
CA PHE D 211 -36.58 -18.68 8.60
C PHE D 211 -36.64 -17.81 9.86
N LEU D 212 -36.57 -18.45 11.02
CA LEU D 212 -36.62 -17.70 12.28
C LEU D 212 -35.45 -16.74 12.39
N SER D 213 -34.24 -17.19 12.02
CA SER D 213 -33.06 -16.33 12.11
C SER D 213 -33.17 -15.14 11.18
N VAL D 214 -33.60 -15.37 9.93
CA VAL D 214 -33.70 -14.28 8.97
C VAL D 214 -34.76 -13.28 9.42
N THR D 215 -35.91 -13.78 9.90
CA THR D 215 -36.96 -12.88 10.37
C THR D 215 -36.48 -12.05 11.56
N PHE D 216 -35.80 -12.68 12.52
CA PHE D 216 -35.30 -11.96 13.67
C PHE D 216 -34.28 -10.91 13.27
N PHE D 217 -33.37 -11.25 12.36
CA PHE D 217 -32.35 -10.31 11.93
C PHE D 217 -32.97 -9.11 11.21
N ASN D 218 -33.90 -9.39 10.29
CA ASN D 218 -34.55 -8.30 9.56
C ASN D 218 -35.35 -7.40 10.51
N LEU D 219 -36.07 -7.99 11.46
CA LEU D 219 -36.84 -7.19 12.40
C LEU D 219 -35.93 -6.35 13.28
N SER D 220 -34.82 -6.92 13.74
CA SER D 220 -33.89 -6.16 14.58
C SER D 220 -33.26 -5.02 13.80
N ILE D 221 -32.88 -5.26 12.54
CA ILE D 221 -32.29 -4.21 11.71
C ILE D 221 -33.30 -3.09 11.49
N TYR D 222 -34.55 -3.45 11.18
CA TYR D 222 -35.57 -2.44 10.95
C TYR D 222 -35.83 -1.63 12.21
N LEU D 223 -35.92 -2.29 13.37
CA LEU D 223 -36.14 -1.57 14.61
C LEU D 223 -34.98 -0.63 14.92
N ASN D 224 -33.74 -1.10 14.74
CA ASN D 224 -32.59 -0.26 15.02
C ASN D 224 -32.55 0.95 14.10
N ILE D 225 -32.80 0.76 12.80
CA ILE D 225 -32.70 1.87 11.87
C ILE D 225 -33.85 2.86 12.09
N GLN D 226 -35.04 2.36 12.46
CA GLN D 226 -36.14 3.29 12.70
C GLN D 226 -35.94 4.07 13.99
N ARG D 227 -35.36 3.42 15.02
CA ARG D 227 -35.04 4.15 16.24
C ARG D 227 -33.96 5.20 15.98
N ARG D 228 -32.98 4.85 15.14
CA ARG D 228 -31.93 5.82 14.81
C ARG D 228 -32.50 7.01 14.06
N THR D 229 -33.38 6.76 13.08
CA THR D 229 -34.00 7.86 12.35
C THR D 229 -34.87 8.72 13.25
N ARG D 230 -35.60 8.09 14.19
CA ARG D 230 -36.43 8.87 15.09
C ARG D 230 -35.58 9.73 16.02
N LEU D 231 -34.47 9.17 16.53
CA LEU D 231 -33.60 9.95 17.41
C LEU D 231 -32.92 11.08 16.65
N ARG D 232 -32.61 10.87 15.37
CA ARG D 232 -32.01 11.94 14.58
C ARG D 232 -33.03 13.02 14.24
N LEU D 233 -34.28 12.64 14.03
CA LEU D 233 -35.31 13.62 13.70
C LEU D 233 -35.70 14.43 14.93
N ASP D 234 -35.82 13.77 16.08
CA ASP D 234 -36.19 14.48 17.31
C ASP D 234 -35.04 15.34 17.82
N GLY D 235 -33.88 14.74 18.05
CA GLY D 235 -32.73 15.46 18.54
C GLY D 235 -32.12 16.38 17.49
N ARG D 347 -38.42 13.06 4.58
CA ARG D 347 -37.09 13.45 4.11
C ARG D 347 -36.50 12.37 3.21
N PHE D 348 -35.22 12.56 2.84
CA PHE D 348 -34.56 11.57 1.99
C PHE D 348 -34.27 10.29 2.76
N ARG D 349 -33.95 10.40 4.04
CA ARG D 349 -33.69 9.22 4.86
C ARG D 349 -34.96 8.39 5.03
N LEU D 350 -36.12 9.06 5.10
CA LEU D 350 -37.38 8.33 5.24
C LEU D 350 -37.66 7.45 4.04
N SER D 351 -37.20 7.89 2.87
CA SER D 351 -37.36 7.08 1.66
C SER D 351 -36.45 5.88 1.77
N ARG D 352 -35.25 6.06 2.33
CA ARG D 352 -34.34 4.94 2.52
C ARG D 352 -34.93 3.93 3.48
N ASP D 353 -35.57 4.40 4.54
CA ASP D 353 -36.21 3.50 5.49
C ASP D 353 -37.18 2.60 4.77
N ARG D 354 -37.98 3.18 3.88
CA ARG D 354 -38.96 2.39 3.14
C ARG D 354 -38.28 1.40 2.23
N LYS D 355 -37.20 1.85 1.57
CA LYS D 355 -36.45 0.96 0.70
C LYS D 355 -35.96 -0.27 1.45
N VAL D 356 -35.30 -0.05 2.60
CA VAL D 356 -34.75 -1.17 3.37
C VAL D 356 -35.88 -2.05 3.89
N ALA D 357 -37.00 -1.45 4.29
CA ALA D 357 -38.12 -2.22 4.82
C ALA D 357 -38.70 -3.15 3.75
N LYS D 358 -38.91 -2.62 2.54
CA LYS D 358 -39.45 -3.45 1.47
C LYS D 358 -38.44 -4.50 1.01
N SER D 359 -37.17 -4.12 0.93
CA SER D 359 -36.14 -5.06 0.47
C SER D 359 -35.97 -6.22 1.46
N LEU D 360 -35.96 -5.92 2.76
CA LEU D 360 -35.82 -6.97 3.75
C LEU D 360 -37.08 -7.83 3.83
N ALA D 361 -38.23 -7.25 3.47
CA ALA D 361 -39.47 -8.01 3.53
C ALA D 361 -39.61 -8.94 2.32
N VAL D 362 -39.02 -8.56 1.19
CA VAL D 362 -39.13 -9.39 -0.02
C VAL D 362 -38.17 -10.59 0.08
N ILE D 363 -36.95 -10.35 0.55
CA ILE D 363 -35.95 -11.41 0.59
C ILE D 363 -36.36 -12.51 1.56
N VAL D 364 -37.10 -12.14 2.60
CA VAL D 364 -37.55 -13.15 3.56
C VAL D 364 -38.83 -13.82 3.08
N SER D 365 -39.58 -13.13 2.20
CA SER D 365 -40.82 -13.70 1.69
C SER D 365 -40.57 -14.66 0.54
N ILE D 366 -39.67 -14.29 -0.37
CA ILE D 366 -39.37 -15.16 -1.51
C ILE D 366 -38.77 -16.47 -1.03
N PHE D 367 -37.84 -16.39 -0.06
CA PHE D 367 -37.28 -17.60 0.52
C PHE D 367 -38.35 -18.39 1.28
N GLY D 368 -39.30 -17.68 1.92
CA GLY D 368 -40.30 -18.37 2.71
C GLY D 368 -41.39 -19.00 1.86
N LEU D 369 -41.89 -18.26 0.87
CA LEU D 369 -43.03 -18.75 0.08
C LEU D 369 -42.65 -19.96 -0.77
N CYS D 370 -41.36 -20.13 -1.04
CA CYS D 370 -40.92 -21.24 -1.89
C CYS D 370 -40.54 -22.46 -1.06
N TRP D 371 -39.76 -22.25 0.00
CA TRP D 371 -39.25 -23.38 0.78
C TRP D 371 -40.32 -23.99 1.69
N ALA D 372 -41.27 -23.18 2.16
CA ALA D 372 -42.26 -23.69 3.11
C ALA D 372 -43.14 -24.78 2.52
N PRO D 373 -43.71 -24.66 1.32
CA PRO D 373 -44.56 -25.75 0.81
C PRO D 373 -43.83 -27.07 0.66
N TYR D 374 -42.57 -27.04 0.18
CA TYR D 374 -41.83 -28.28 0.01
C TYR D 374 -41.52 -28.93 1.36
N THR D 375 -41.17 -28.12 2.36
CA THR D 375 -40.88 -28.67 3.68
C THR D 375 -42.14 -29.17 4.38
N LEU D 376 -43.29 -28.57 4.07
CA LEU D 376 -44.53 -29.02 4.68
C LEU D 376 -45.09 -30.25 3.99
N LEU D 377 -44.85 -30.37 2.68
CA LEU D 377 -45.39 -31.51 1.94
C LEU D 377 -44.67 -32.81 2.31
N MET D 378 -43.36 -32.73 2.57
CA MET D 378 -42.62 -33.94 2.94
C MET D 378 -43.04 -34.45 4.31
N ILE D 379 -43.49 -33.55 5.19
CA ILE D 379 -43.91 -33.98 6.52
C ILE D 379 -45.26 -34.69 6.46
N ILE D 380 -46.21 -34.13 5.71
CA ILE D 380 -47.53 -34.75 5.61
C ILE D 380 -47.47 -36.01 4.77
N ARG D 381 -46.38 -36.21 4.01
CA ARG D 381 -46.22 -37.44 3.25
C ARG D 381 -46.14 -38.66 4.17
N ALA D 382 -45.57 -38.48 5.37
CA ALA D 382 -45.47 -39.59 6.31
C ALA D 382 -46.82 -39.91 6.94
N ALA D 383 -47.65 -38.89 7.13
CA ALA D 383 -48.96 -39.08 7.73
C ALA D 383 -49.82 -39.92 6.79
N CYS D 384 -50.09 -39.39 5.60
CA CYS D 384 -50.86 -40.13 4.61
C CYS D 384 -49.88 -40.65 3.60
N HIS D 385 -49.71 -41.97 3.52
CA HIS D 385 -48.71 -42.53 2.63
C HIS D 385 -49.24 -42.65 1.22
N GLY D 386 -49.24 -41.53 0.50
CA GLY D 386 -49.70 -41.52 -0.87
C GLY D 386 -51.18 -41.23 -1.04
N HIS D 387 -51.94 -41.26 0.05
CA HIS D 387 -53.35 -40.91 -0.03
C HIS D 387 -53.53 -39.44 -0.37
N CYS D 388 -52.77 -38.57 0.29
CA CYS D 388 -52.85 -37.13 0.03
C CYS D 388 -52.38 -36.70 -1.34
N VAL D 389 -51.29 -37.30 -1.83
CA VAL D 389 -50.69 -36.91 -3.11
C VAL D 389 -51.60 -36.29 -4.18
N PRO D 390 -51.44 -34.96 -4.47
CA PRO D 390 -52.25 -34.42 -5.57
C PRO D 390 -51.72 -34.88 -6.92
N ASP D 391 -52.34 -34.37 -7.99
CA ASP D 391 -52.00 -34.76 -9.35
C ASP D 391 -50.52 -34.51 -9.65
N TYR D 392 -50.10 -33.25 -9.66
CA TYR D 392 -48.72 -32.87 -9.94
C TYR D 392 -48.19 -31.82 -8.99
N TRP D 393 -48.78 -31.72 -7.80
CA TRP D 393 -48.37 -30.68 -6.86
C TRP D 393 -47.04 -30.98 -6.21
N TYR D 394 -46.80 -32.23 -5.84
CA TYR D 394 -45.50 -32.57 -5.30
C TYR D 394 -44.43 -32.37 -6.37
N GLU D 395 -44.75 -32.72 -7.61
CA GLU D 395 -43.80 -32.51 -8.69
C GLU D 395 -43.51 -31.03 -8.88
N THR D 396 -44.55 -30.20 -8.84
CA THR D 396 -44.33 -28.75 -8.92
C THR D 396 -43.55 -28.24 -7.71
N SER D 397 -43.83 -28.79 -6.54
CA SER D 397 -43.12 -28.39 -5.33
C SER D 397 -41.64 -28.71 -5.42
N PHE D 398 -41.29 -29.85 -6.00
CA PHE D 398 -39.89 -30.19 -6.18
C PHE D 398 -39.27 -29.11 -7.04
N TRP D 399 -40.05 -28.59 -7.99
CA TRP D 399 -39.57 -27.52 -8.86
C TRP D 399 -39.69 -26.17 -8.18
N LEU D 400 -40.60 -26.06 -7.20
CA LEU D 400 -40.76 -24.80 -6.48
C LEU D 400 -39.51 -24.41 -5.71
N LEU D 401 -38.83 -25.40 -5.12
CA LEU D 401 -37.55 -25.13 -4.49
C LEU D 401 -36.51 -24.70 -5.51
N TRP D 402 -36.56 -25.25 -6.72
CA TRP D 402 -35.68 -24.78 -7.79
C TRP D 402 -36.07 -23.38 -8.24
N ALA D 403 -37.36 -23.05 -8.19
CA ALA D 403 -37.81 -21.71 -8.53
C ALA D 403 -37.21 -20.69 -7.57
N ASN D 404 -37.02 -21.08 -6.30
CA ASN D 404 -36.30 -20.23 -5.37
C ASN D 404 -34.86 -20.02 -5.81
N SER D 405 -34.19 -21.11 -6.20
CA SER D 405 -32.81 -21.01 -6.67
C SER D 405 -32.74 -20.32 -8.02
N ALA D 406 -33.79 -20.46 -8.84
CA ALA D 406 -33.80 -19.79 -10.14
C ALA D 406 -33.90 -18.28 -9.98
N VAL D 407 -34.69 -17.80 -9.01
CA VAL D 407 -34.84 -16.38 -8.75
C VAL D 407 -33.89 -15.89 -7.67
N ASN D 408 -33.08 -16.78 -7.10
CA ASN D 408 -32.17 -16.38 -6.04
C ASN D 408 -31.10 -15.41 -6.49
N PRO D 409 -30.24 -15.72 -7.49
CA PRO D 409 -29.04 -14.88 -7.70
C PRO D 409 -29.36 -13.42 -8.00
N VAL D 410 -30.56 -13.13 -8.49
CA VAL D 410 -30.97 -11.76 -8.73
C VAL D 410 -31.23 -11.05 -7.41
N LEU D 411 -32.00 -11.70 -6.53
CA LEU D 411 -32.49 -11.02 -5.34
C LEU D 411 -31.45 -11.00 -4.22
N TYR D 412 -31.08 -12.17 -3.69
CA TYR D 412 -30.27 -12.19 -2.48
C TYR D 412 -28.79 -11.94 -2.78
N PRO D 413 -28.14 -12.63 -3.75
CA PRO D 413 -26.74 -12.27 -4.08
C PRO D 413 -26.66 -11.02 -4.95
N LEU D 414 -27.39 -9.99 -4.57
CA LEU D 414 -27.35 -8.70 -5.27
C LEU D 414 -26.33 -7.81 -4.56
N CYS D 415 -25.20 -7.56 -5.23
CA CYS D 415 -24.12 -6.74 -4.67
C CYS D 415 -24.66 -5.36 -4.37
N HIS D 416 -24.23 -4.82 -3.24
CA HIS D 416 -24.71 -3.53 -2.69
C HIS D 416 -24.61 -2.47 -3.77
N HIS D 417 -23.42 -2.15 -4.27
CA HIS D 417 -23.26 -1.21 -5.37
C HIS D 417 -22.16 -1.59 -6.33
N SER D 418 -21.50 -2.73 -6.15
CA SER D 418 -20.43 -3.14 -7.06
C SER D 418 -21.01 -3.74 -8.34
N PHE D 419 -22.10 -4.49 -8.23
CA PHE D 419 -22.72 -5.08 -9.41
C PHE D 419 -23.31 -4.01 -10.32
N ARG D 420 -23.80 -2.92 -9.73
CA ARG D 420 -24.31 -1.81 -10.55
C ARG D 420 -23.20 -1.19 -11.39
N ARG D 421 -21.99 -1.11 -10.84
CA ARG D 421 -20.86 -0.60 -11.60
C ARG D 421 -20.38 -1.62 -12.62
N ALA D 422 -20.31 -2.90 -12.21
CA ALA D 422 -19.84 -3.95 -13.10
C ALA D 422 -20.85 -4.28 -14.20
N PHE D 423 -22.11 -3.93 -14.01
CA PHE D 423 -23.12 -4.22 -15.03
C PHE D 423 -22.87 -3.42 -16.30
N THR D 424 -22.31 -2.22 -16.16
CA THR D 424 -22.04 -1.36 -17.29
C THR D 424 -20.85 -1.89 -18.10
N VAL E 2 27.51 -2.82 20.27
CA VAL E 2 27.32 -4.26 20.10
C VAL E 2 28.31 -5.04 20.96
N GLN E 3 27.77 -5.75 21.96
CA GLN E 3 28.58 -6.56 22.86
C GLN E 3 27.86 -7.87 23.13
N LEU E 4 28.55 -8.98 22.89
CA LEU E 4 28.00 -10.32 23.15
C LEU E 4 28.82 -10.96 24.26
N VAL E 5 28.19 -11.18 25.40
CA VAL E 5 28.83 -11.79 26.56
C VAL E 5 28.29 -13.20 26.72
N GLU E 6 29.19 -14.17 26.83
CA GLU E 6 28.83 -15.57 26.98
C GLU E 6 29.32 -16.10 28.32
N SER E 7 28.48 -16.94 28.94
CA SER E 7 28.82 -17.55 30.22
C SER E 7 28.03 -18.85 30.37
N GLY E 8 28.40 -19.63 31.38
CA GLY E 8 27.75 -20.89 31.67
C GLY E 8 28.55 -22.12 31.32
N GLY E 9 29.83 -21.98 30.99
CA GLY E 9 30.66 -23.12 30.65
C GLY E 9 31.66 -23.48 31.72
N GLY E 10 32.05 -24.75 31.77
CA GLY E 10 33.01 -25.18 32.77
C GLY E 10 33.28 -26.67 32.65
N LEU E 11 33.81 -27.24 33.73
CA LEU E 11 34.12 -28.66 33.76
C LEU E 11 32.88 -29.46 34.14
N VAL E 12 32.54 -30.47 33.33
CA VAL E 12 31.38 -31.31 33.54
C VAL E 12 31.79 -32.75 33.23
N GLN E 13 31.38 -33.68 34.08
CA GLN E 13 31.69 -35.08 33.86
C GLN E 13 30.93 -35.59 32.64
N PRO E 14 31.45 -36.61 31.94
CA PRO E 14 30.72 -37.15 30.78
C PRO E 14 29.41 -37.79 31.20
N GLY E 15 28.41 -37.67 30.33
CA GLY E 15 27.09 -38.18 30.61
C GLY E 15 26.14 -37.21 31.27
N GLY E 16 26.60 -36.00 31.59
CA GLY E 16 25.76 -35.00 32.19
C GLY E 16 25.18 -34.03 31.17
N SER E 17 24.69 -32.91 31.68
CA SER E 17 24.08 -31.88 30.84
C SER E 17 24.47 -30.51 31.35
N ARG E 18 24.53 -29.55 30.44
CA ARG E 18 24.87 -28.17 30.77
C ARG E 18 24.25 -27.26 29.72
N LYS E 19 24.00 -26.02 30.12
CA LYS E 19 23.36 -25.04 29.26
C LYS E 19 24.24 -23.79 29.14
N LEU E 20 24.28 -23.22 27.94
CA LEU E 20 25.05 -22.02 27.67
C LEU E 20 24.10 -20.86 27.36
N SER E 21 24.46 -19.67 27.81
CA SER E 21 23.65 -18.48 27.60
C SER E 21 24.53 -17.35 27.07
N CYS E 22 23.91 -16.47 26.29
CA CYS E 22 24.59 -15.32 25.72
C CYS E 22 23.76 -14.07 25.98
N SER E 23 24.44 -12.98 26.31
CA SER E 23 23.81 -11.70 26.62
C SER E 23 24.05 -10.74 25.45
N ALA E 24 23.00 -10.46 24.70
CA ALA E 24 23.07 -9.55 23.56
C ALA E 24 22.60 -8.16 23.96
N SER E 25 23.33 -7.15 23.49
CA SER E 25 23.00 -5.76 23.80
C SER E 25 23.68 -4.86 22.78
N GLY E 26 23.05 -3.71 22.54
CA GLY E 26 23.59 -2.72 21.62
C GLY E 26 23.10 -2.84 20.19
N PHE E 27 22.18 -3.77 19.91
CA PHE E 27 21.65 -3.93 18.56
C PHE E 27 20.30 -4.64 18.66
N ALA E 28 19.68 -4.86 17.50
CA ALA E 28 18.39 -5.54 17.43
C ALA E 28 18.64 -7.04 17.41
N PHE E 29 18.41 -7.69 18.54
CA PHE E 29 18.65 -9.13 18.64
C PHE E 29 17.62 -9.91 17.82
N SER E 30 16.39 -9.39 17.72
CA SER E 30 15.35 -10.10 16.99
C SER E 30 15.63 -10.13 15.49
N SER E 31 16.20 -9.05 14.96
CA SER E 31 16.45 -8.97 13.52
C SER E 31 17.72 -9.69 13.09
N PHE E 32 18.55 -10.12 14.02
CA PHE E 32 19.81 -10.79 13.72
C PHE E 32 19.71 -12.27 14.02
N GLY E 33 20.06 -13.11 13.05
CA GLY E 33 20.15 -14.53 13.29
C GLY E 33 21.38 -14.87 14.11
N MET E 34 21.29 -15.97 14.85
CA MET E 34 22.33 -16.38 15.79
C MET E 34 22.99 -17.66 15.29
N HIS E 35 24.32 -17.71 15.39
CA HIS E 35 25.10 -18.88 15.00
C HIS E 35 25.90 -19.37 16.20
N TRP E 36 26.36 -20.62 16.10
CA TRP E 36 27.22 -21.22 17.11
C TRP E 36 28.43 -21.85 16.44
N VAL E 37 29.62 -21.40 16.83
CA VAL E 37 30.88 -21.91 16.32
C VAL E 37 31.79 -22.22 17.50
N ARG E 38 32.42 -23.38 17.48
CA ARG E 38 33.33 -23.81 18.54
C ARG E 38 34.71 -24.08 17.94
N GLN E 39 35.74 -23.89 18.76
CA GLN E 39 37.12 -24.04 18.34
C GLN E 39 37.81 -25.10 19.19
N ALA E 40 38.39 -26.11 18.54
CA ALA E 40 39.15 -27.11 19.24
C ALA E 40 40.37 -26.48 19.92
N PRO E 41 40.85 -27.09 21.01
CA PRO E 41 42.02 -26.50 21.71
C PRO E 41 43.25 -26.39 20.82
N GLU E 42 43.46 -27.35 19.92
CA GLU E 42 44.62 -27.28 19.05
C GLU E 42 44.38 -26.34 17.87
N LYS E 43 43.38 -26.64 17.05
CA LYS E 43 43.04 -25.84 15.88
C LYS E 43 41.74 -26.37 15.28
N GLY E 44 41.06 -25.52 14.52
CA GLY E 44 39.89 -25.96 13.80
C GLY E 44 38.61 -25.28 14.29
N LEU E 45 37.76 -24.93 13.33
CA LEU E 45 36.44 -24.36 13.60
C LEU E 45 35.37 -25.27 12.99
N GLU E 46 34.23 -25.38 13.66
CA GLU E 46 33.11 -26.17 13.19
C GLU E 46 31.80 -25.54 13.63
N TRP E 47 30.90 -25.34 12.67
CA TRP E 47 29.58 -24.80 12.98
C TRP E 47 28.76 -25.83 13.75
N VAL E 48 28.03 -25.36 14.76
CA VAL E 48 27.31 -26.25 15.65
C VAL E 48 25.79 -26.05 15.59
N ALA E 49 25.29 -24.84 15.37
CA ALA E 49 23.85 -24.59 15.41
C ALA E 49 23.58 -23.22 14.81
N TYR E 50 22.33 -23.02 14.41
CA TYR E 50 21.89 -21.77 13.81
C TYR E 50 20.37 -21.67 13.89
N ILE E 51 19.87 -20.48 14.16
CA ILE E 51 18.45 -20.20 14.18
C ILE E 51 18.21 -18.87 13.49
N SER E 52 17.13 -18.78 12.72
CA SER E 52 16.81 -17.58 11.96
C SER E 52 15.93 -16.64 12.78
N SER E 53 15.73 -15.44 12.25
CA SER E 53 14.91 -14.42 12.91
C SER E 53 13.44 -14.85 12.91
N GLY E 54 12.87 -15.03 14.10
CA GLY E 54 11.49 -15.46 14.26
C GLY E 54 11.32 -16.83 14.86
N SER E 55 12.35 -17.38 15.50
CA SER E 55 12.29 -18.71 16.13
C SER E 55 11.93 -19.79 15.11
N GLY E 56 12.50 -19.69 13.91
CA GLY E 56 12.27 -20.64 12.86
C GLY E 56 13.55 -20.97 12.12
N THR E 57 13.44 -21.97 11.23
CA THR E 57 14.56 -22.45 10.42
C THR E 57 15.75 -22.83 11.30
N ILE E 58 15.52 -23.79 12.19
CA ILE E 58 16.56 -24.24 13.10
C ILE E 58 17.36 -25.37 12.45
N TYR E 59 18.68 -25.23 12.48
CA TYR E 59 19.57 -26.23 11.89
C TYR E 59 20.57 -26.67 12.94
N TYR E 60 20.98 -27.94 12.84
CA TYR E 60 21.94 -28.52 13.76
C TYR E 60 23.06 -29.20 12.98
N ALA E 61 24.13 -29.54 13.68
CA ALA E 61 25.25 -30.24 13.07
C ALA E 61 25.04 -31.74 13.12
N ASP E 62 25.75 -32.45 12.23
CA ASP E 62 25.58 -33.90 12.16
C ASP E 62 26.12 -34.59 13.41
N THR E 63 27.26 -34.10 13.92
CA THR E 63 27.87 -34.72 15.09
C THR E 63 26.99 -34.57 16.33
N VAL E 64 26.41 -33.39 16.52
CA VAL E 64 25.61 -33.10 17.70
C VAL E 64 24.11 -33.16 17.40
N LYS E 65 23.72 -33.85 16.33
CA LYS E 65 22.31 -33.95 15.99
C LYS E 65 21.56 -34.78 17.04
N GLY E 66 20.45 -34.22 17.53
CA GLY E 66 19.62 -34.90 18.51
C GLY E 66 19.99 -34.66 19.96
N ARG E 67 21.17 -34.12 20.24
CA ARG E 67 21.61 -33.89 21.61
C ARG E 67 21.64 -32.41 21.98
N PHE E 68 21.63 -31.50 21.02
CA PHE E 68 21.67 -30.08 21.29
C PHE E 68 20.32 -29.45 20.94
N THR E 69 19.98 -28.40 21.69
CA THR E 69 18.76 -27.64 21.47
C THR E 69 19.06 -26.16 21.64
N ILE E 70 18.80 -25.38 20.60
CA ILE E 70 19.08 -23.95 20.59
C ILE E 70 17.77 -23.18 20.59
N SER E 71 17.66 -22.20 21.47
CA SER E 71 16.49 -21.36 21.57
C SER E 71 16.92 -19.91 21.85
N ARG E 72 16.09 -18.97 21.41
CA ARG E 72 16.37 -17.55 21.56
C ARG E 72 15.17 -16.87 22.21
N ASP E 73 15.44 -15.90 23.08
CA ASP E 73 14.40 -15.13 23.76
C ASP E 73 14.49 -13.69 23.25
N ASP E 74 13.51 -13.29 22.45
CA ASP E 74 13.53 -11.94 21.88
C ASP E 74 13.31 -10.83 22.90
N PRO E 75 12.37 -10.93 23.84
CA PRO E 75 12.18 -9.80 24.78
C PRO E 75 13.41 -9.51 25.63
N LYS E 76 14.08 -10.53 26.15
CA LYS E 76 15.25 -10.33 27.00
C LYS E 76 16.56 -10.32 26.21
N ASN E 77 16.51 -10.56 24.90
CA ASN E 77 17.69 -10.54 24.04
C ASN E 77 18.75 -11.52 24.53
N THR E 78 18.33 -12.73 24.88
CA THR E 78 19.21 -13.76 25.41
C THR E 78 19.12 -15.00 24.54
N LEU E 79 20.28 -15.57 24.22
CA LEU E 79 20.37 -16.79 23.42
C LEU E 79 20.64 -17.97 24.33
N PHE E 80 19.97 -19.09 24.06
CA PHE E 80 20.07 -20.28 24.88
C PHE E 80 20.53 -21.46 24.03
N LEU E 81 21.29 -22.35 24.65
CA LEU E 81 21.75 -23.59 24.03
C LEU E 81 21.86 -24.68 25.07
N GLN E 82 21.07 -25.73 24.90
CA GLN E 82 20.99 -26.84 25.85
C GLN E 82 21.75 -28.03 25.29
N MET E 83 22.68 -28.56 26.09
CA MET E 83 23.48 -29.71 25.69
C MET E 83 23.14 -30.91 26.56
N THR E 84 23.07 -32.08 25.91
CA THR E 84 22.76 -33.33 26.60
C THR E 84 23.70 -34.42 26.09
N SER E 85 24.03 -35.34 26.99
CA SER E 85 24.90 -36.47 26.69
C SER E 85 26.25 -36.01 26.14
N LEU E 86 26.93 -35.20 26.94
CA LEU E 86 28.24 -34.69 26.53
C LEU E 86 29.26 -35.82 26.47
N ARG E 87 30.14 -35.75 25.47
CA ARG E 87 31.14 -36.76 25.22
C ARG E 87 32.52 -36.15 25.32
N SER E 88 33.54 -36.96 25.00
CA SER E 88 34.91 -36.48 25.02
C SER E 88 35.19 -35.47 23.91
N GLU E 89 34.34 -35.43 22.88
CA GLU E 89 34.55 -34.49 21.79
C GLU E 89 34.08 -33.08 22.16
N ASP E 90 33.28 -32.96 23.21
CA ASP E 90 32.71 -31.68 23.61
C ASP E 90 33.70 -30.88 24.47
N THR E 91 34.86 -30.61 23.88
CA THR E 91 35.90 -29.80 24.51
C THR E 91 36.32 -28.72 23.51
N ALA E 92 35.61 -27.58 23.53
CA ALA E 92 35.86 -26.53 22.57
C ALA E 92 35.26 -25.23 23.12
N MET E 93 35.86 -24.12 22.71
CA MET E 93 35.38 -22.80 23.11
C MET E 93 34.35 -22.28 22.10
N TYR E 94 33.12 -22.09 22.58
CA TYR E 94 32.00 -21.71 21.73
C TYR E 94 31.93 -20.20 21.62
N TYR E 95 31.87 -19.71 20.39
CA TYR E 95 31.78 -18.27 20.10
C TYR E 95 30.41 -17.97 19.48
N CYS E 96 29.68 -17.06 20.10
CA CYS E 96 28.38 -16.65 19.58
C CYS E 96 28.56 -15.66 18.43
N VAL E 97 27.83 -15.91 17.35
CA VAL E 97 27.92 -15.08 16.14
C VAL E 97 26.53 -14.58 15.79
N ARG E 98 26.47 -13.33 15.33
CA ARG E 98 25.24 -12.74 14.83
C ARG E 98 25.32 -12.59 13.31
N SER E 99 24.17 -12.66 12.65
CA SER E 99 24.12 -12.54 11.20
C SER E 99 22.75 -12.04 10.79
N ILE E 100 22.72 -11.25 9.72
CA ILE E 100 21.48 -10.78 9.10
C ILE E 100 21.63 -10.93 7.60
N TYR E 101 20.53 -11.29 6.93
CA TYR E 101 20.57 -11.65 5.52
C TYR E 101 19.65 -10.74 4.73
N TYR E 102 20.25 -9.91 3.87
CA TYR E 102 19.52 -9.09 2.91
C TYR E 102 20.50 -8.64 1.84
N TYR E 103 19.98 -7.92 0.85
CA TYR E 103 20.83 -7.44 -0.23
C TYR E 103 21.82 -6.40 0.29
N GLY E 104 23.11 -6.71 0.18
CA GLY E 104 24.14 -5.84 0.70
C GLY E 104 24.54 -6.11 2.13
N SER E 105 23.91 -7.08 2.80
CA SER E 105 24.24 -7.40 4.17
C SER E 105 25.58 -8.12 4.27
N SER E 106 26.15 -8.10 5.48
CA SER E 106 27.42 -8.77 5.76
C SER E 106 27.21 -9.74 6.92
N PRO E 107 26.88 -11.00 6.66
CA PRO E 107 26.73 -11.97 7.74
C PRO E 107 28.05 -12.25 8.44
N PHE E 108 27.95 -12.78 9.65
CA PHE E 108 29.11 -13.10 10.48
C PHE E 108 29.98 -11.86 10.71
N ASP E 109 29.33 -10.73 10.95
CA ASP E 109 30.03 -9.46 11.11
C ASP E 109 30.51 -9.20 12.52
N PHE E 110 30.07 -10.00 13.50
CA PHE E 110 30.48 -9.81 14.88
C PHE E 110 30.63 -11.18 15.55
N TRP E 111 31.70 -11.31 16.33
CA TRP E 111 32.00 -12.54 17.04
C TRP E 111 32.24 -12.24 18.51
N GLY E 112 31.55 -12.97 19.39
CA GLY E 112 31.74 -12.78 20.81
C GLY E 112 33.08 -13.27 21.30
N GLN E 113 33.38 -12.94 22.55
CA GLN E 113 34.65 -13.35 23.14
C GLN E 113 34.74 -14.87 23.27
N GLY E 114 33.65 -15.51 23.71
CA GLY E 114 33.62 -16.95 23.80
C GLY E 114 33.48 -17.49 25.21
N THR E 115 33.07 -18.74 25.32
CA THR E 115 32.93 -19.42 26.60
C THR E 115 33.59 -20.78 26.52
N THR E 116 34.43 -21.08 27.50
CA THR E 116 35.16 -22.35 27.49
C THR E 116 34.27 -23.49 27.99
N LEU E 117 34.50 -24.67 27.42
CA LEU E 117 33.80 -25.88 27.82
C LEU E 117 34.75 -27.06 27.74
N THR E 118 34.82 -27.82 28.83
CA THR E 118 35.71 -28.97 28.93
C THR E 118 34.98 -30.14 29.56
N VAL E 119 35.05 -31.31 28.92
CA VAL E 119 34.43 -32.53 29.42
C VAL E 119 35.52 -33.57 29.62
N SER E 120 35.61 -34.11 30.83
CA SER E 120 36.65 -35.11 31.12
C SER E 120 36.36 -36.45 30.45
N SER E 136 28.17 -35.54 1.41
CA SER E 136 27.88 -34.44 0.51
C SER E 136 28.29 -33.08 1.07
N ASP E 137 28.83 -33.04 2.28
CA ASP E 137 29.24 -31.77 2.88
C ASP E 137 30.47 -31.22 2.19
N ILE E 138 30.50 -29.91 1.98
CA ILE E 138 31.66 -29.25 1.38
C ILE E 138 32.83 -29.32 2.34
N VAL E 139 33.98 -29.76 1.86
CA VAL E 139 35.18 -29.95 2.68
C VAL E 139 36.23 -28.94 2.24
N MET E 140 36.66 -28.10 3.19
CA MET E 140 37.72 -27.14 2.93
C MET E 140 39.04 -27.68 3.45
N THR E 141 40.03 -27.79 2.56
CA THR E 141 41.32 -28.35 2.90
C THR E 141 42.43 -27.46 2.34
N GLN E 142 43.45 -27.20 3.16
CA GLN E 142 44.61 -26.43 2.74
C GLN E 142 45.85 -27.05 3.37
N ALA E 143 46.87 -27.31 2.54
CA ALA E 143 48.09 -27.93 3.05
C ALA E 143 48.97 -26.91 3.77
N THR E 144 48.95 -25.66 3.32
CA THR E 144 49.78 -24.63 3.93
C THR E 144 49.31 -24.33 5.34
N SER E 145 50.25 -24.32 6.28
CA SER E 145 49.94 -24.10 7.69
C SER E 145 50.66 -22.89 8.30
N SER E 146 51.81 -22.50 7.77
CA SER E 146 52.55 -21.37 8.33
C SER E 146 53.25 -20.61 7.19
N VAL E 147 53.40 -19.31 7.40
CA VAL E 147 54.02 -18.44 6.39
C VAL E 147 55.09 -17.59 7.06
N PRO E 148 56.32 -17.68 6.56
CA PRO E 148 57.45 -16.97 7.17
C PRO E 148 57.63 -15.50 6.73
N VAL E 149 56.63 -14.88 6.09
CA VAL E 149 56.79 -13.51 5.62
C VAL E 149 57.08 -12.58 6.80
N THR E 150 58.09 -11.74 6.64
CA THR E 150 58.51 -10.80 7.66
C THR E 150 57.62 -9.55 7.63
N PRO E 151 57.59 -8.78 8.73
CA PRO E 151 56.79 -7.55 8.74
C PRO E 151 57.24 -6.59 7.65
N GLY E 152 56.27 -6.08 6.90
CA GLY E 152 56.53 -5.14 5.82
C GLY E 152 56.45 -5.72 4.42
N GLU E 153 56.20 -7.02 4.29
CA GLU E 153 56.10 -7.68 3.00
C GLU E 153 54.68 -8.21 2.79
N SER E 154 54.28 -8.30 1.53
CA SER E 154 52.96 -8.82 1.20
C SER E 154 52.87 -10.31 1.50
N VAL E 155 51.64 -10.77 1.75
CA VAL E 155 51.39 -12.17 2.08
C VAL E 155 50.30 -12.71 1.16
N SER E 156 50.22 -14.03 1.04
CA SER E 156 49.20 -14.67 0.23
C SER E 156 48.72 -15.94 0.92
N ILE E 157 47.41 -16.02 1.15
CA ILE E 157 46.79 -17.16 1.82
C ILE E 157 45.76 -17.75 0.86
N SER E 158 46.03 -18.96 0.38
CA SER E 158 45.19 -19.64 -0.59
C SER E 158 44.42 -20.76 0.08
N CYS E 159 43.19 -21.01 -0.39
CA CYS E 159 42.36 -22.10 0.10
C CYS E 159 41.66 -22.75 -1.07
N ARG E 160 41.24 -24.00 -0.88
CA ARG E 160 40.54 -24.75 -1.90
C ARG E 160 39.28 -25.36 -1.33
N SER E 161 38.39 -25.79 -2.23
CA SER E 161 37.10 -26.36 -1.86
C SER E 161 36.86 -27.64 -2.64
N SER E 162 35.79 -28.34 -2.28
CA SER E 162 35.41 -29.57 -2.96
C SER E 162 34.61 -29.34 -4.23
N LYS E 163 33.91 -28.22 -4.34
CA LYS E 163 33.15 -27.90 -5.54
C LYS E 163 33.04 -26.39 -5.65
N SER E 164 32.50 -25.94 -6.79
CA SER E 164 32.35 -24.52 -7.04
C SER E 164 31.32 -23.92 -6.09
N LEU E 165 31.73 -22.88 -5.35
CA LEU E 165 30.84 -22.20 -4.42
C LEU E 165 29.97 -21.15 -5.10
N LEU E 166 30.19 -20.88 -6.38
CA LEU E 166 29.39 -19.91 -7.10
C LEU E 166 27.96 -20.44 -7.30
N HIS E 167 27.00 -19.53 -7.24
CA HIS E 167 25.58 -19.86 -7.37
C HIS E 167 25.03 -19.14 -8.60
N SER E 168 23.80 -19.52 -8.95
CA SER E 168 23.16 -18.93 -10.14
C SER E 168 22.97 -17.43 -9.98
N ASN E 169 22.87 -16.93 -8.75
CA ASN E 169 22.72 -15.49 -8.54
C ASN E 169 24.00 -14.72 -8.87
N GLY E 170 25.15 -15.39 -8.87
CA GLY E 170 26.40 -14.75 -9.21
C GLY E 170 27.31 -14.48 -8.03
N ASN E 171 26.86 -14.74 -6.81
CA ASN E 171 27.65 -14.48 -5.61
C ASN E 171 28.39 -15.74 -5.18
N THR E 172 29.66 -15.58 -4.80
CA THR E 172 30.48 -16.66 -4.29
C THR E 172 30.49 -16.55 -2.77
N TYR E 173 29.75 -17.45 -2.11
CA TYR E 173 29.55 -17.37 -0.65
C TYR E 173 30.78 -17.92 0.08
N LEU E 174 31.84 -17.11 0.05
CA LEU E 174 33.07 -17.40 0.76
C LEU E 174 33.30 -16.36 1.85
N TYR E 175 33.82 -16.82 2.99
CA TYR E 175 34.08 -15.95 4.13
C TYR E 175 35.50 -16.17 4.64
N TRP E 176 36.10 -15.10 5.14
CA TRP E 176 37.44 -15.13 5.71
C TRP E 176 37.39 -14.57 7.12
N PHE E 177 38.01 -15.29 8.06
CA PHE E 177 38.03 -14.89 9.46
C PHE E 177 39.47 -14.92 9.96
N LEU E 178 39.76 -14.02 10.90
CA LEU E 178 41.08 -13.92 11.52
C LEU E 178 40.94 -13.96 13.03
N GLN E 179 41.60 -14.92 13.66
CA GLN E 179 41.59 -15.07 15.11
C GLN E 179 42.98 -14.73 15.64
N ARG E 180 43.15 -13.47 16.06
CA ARG E 180 44.42 -13.03 16.61
C ARG E 180 44.68 -13.73 17.94
N PRO E 181 45.96 -13.90 18.30
CA PRO E 181 46.28 -14.57 19.57
C PRO E 181 45.68 -13.84 20.76
N GLY E 182 44.90 -14.57 21.56
CA GLY E 182 44.24 -13.98 22.71
C GLY E 182 43.12 -13.04 22.35
N GLN E 183 42.50 -13.23 21.20
CA GLN E 183 41.40 -12.39 20.74
C GLN E 183 40.35 -13.24 20.05
N SER E 184 39.17 -12.66 19.84
CA SER E 184 38.07 -13.32 19.17
C SER E 184 38.22 -13.20 17.66
N PRO E 185 37.61 -14.12 16.91
CA PRO E 185 37.67 -14.03 15.45
C PRO E 185 37.04 -12.75 14.94
N GLN E 186 37.50 -12.33 13.75
CA GLN E 186 37.04 -11.11 13.13
C GLN E 186 36.87 -11.33 11.64
N LEU E 187 35.77 -10.81 11.10
CA LEU E 187 35.47 -10.94 9.67
C LEU E 187 36.29 -9.92 8.88
N LEU E 188 37.05 -10.42 7.90
CA LEU E 188 37.86 -9.57 7.05
C LEU E 188 37.24 -9.36 5.66
N ILE E 189 36.95 -10.43 4.94
CA ILE E 189 36.35 -10.34 3.61
C ILE E 189 35.22 -11.35 3.53
N TYR E 190 34.04 -10.87 3.14
CA TYR E 190 32.87 -11.72 2.99
C TYR E 190 32.44 -11.73 1.53
N ARG E 191 31.75 -12.80 1.11
CA ARG E 191 31.30 -12.96 -0.28
C ARG E 191 32.45 -13.10 -1.25
N MET E 192 33.66 -13.37 -0.74
CA MET E 192 34.87 -13.48 -1.57
C MET E 192 35.41 -12.11 -2.02
N SER E 193 34.56 -11.24 -2.54
CA SER E 193 35.02 -9.94 -3.03
C SER E 193 34.68 -8.68 -2.23
N ASN E 194 34.00 -8.81 -1.10
CA ASN E 194 33.56 -7.61 -0.37
C ASN E 194 34.24 -7.47 1.00
N LEU E 195 34.49 -6.24 1.45
CA LEU E 195 35.21 -6.07 2.70
C LEU E 195 34.24 -5.67 3.81
N ALA E 196 34.50 -6.16 5.02
CA ALA E 196 33.65 -5.86 6.15
C ALA E 196 33.93 -4.46 6.70
N SER E 197 33.10 -4.03 7.64
CA SER E 197 33.25 -2.72 8.25
C SER E 197 34.34 -2.75 9.30
N GLY E 198 35.13 -1.68 9.36
CA GLY E 198 36.22 -1.59 10.31
C GLY E 198 37.48 -2.32 9.91
N VAL E 199 37.56 -2.81 8.68
CA VAL E 199 38.72 -3.53 8.19
C VAL E 199 39.50 -2.61 7.25
N PRO E 200 40.81 -2.43 7.45
CA PRO E 200 41.57 -1.57 6.55
C PRO E 200 41.63 -2.14 5.14
N ASP E 201 42.02 -1.27 4.19
CA ASP E 201 42.11 -1.67 2.80
C ASP E 201 43.26 -2.64 2.52
N ARG E 202 44.10 -2.93 3.51
CA ARG E 202 45.20 -3.85 3.31
C ARG E 202 44.70 -5.26 2.99
N PHE E 203 43.70 -5.71 3.73
CA PHE E 203 43.14 -7.05 3.52
C PHE E 203 42.28 -7.05 2.25
N SER E 204 42.64 -7.90 1.29
CA SER E 204 41.90 -8.02 0.04
C SER E 204 42.22 -9.36 -0.60
N GLY E 205 41.25 -9.89 -1.32
CA GLY E 205 41.41 -11.17 -1.98
C GLY E 205 40.34 -11.38 -3.02
N SER E 206 40.66 -12.19 -4.03
CA SER E 206 39.72 -12.49 -5.10
C SER E 206 40.08 -13.85 -5.70
N GLY E 207 39.09 -14.72 -5.80
CA GLY E 207 39.31 -16.05 -6.36
C GLY E 207 38.08 -16.62 -7.02
N SER E 208 38.27 -17.27 -8.16
CA SER E 208 37.18 -17.87 -8.93
C SER E 208 37.32 -19.38 -8.95
N GLY E 209 36.24 -20.05 -9.35
CA GLY E 209 36.25 -21.50 -9.41
C GLY E 209 36.24 -22.11 -8.03
N THR E 210 37.15 -23.06 -7.81
CA THR E 210 37.28 -23.75 -6.54
C THR E 210 38.53 -23.33 -5.77
N ALA E 211 39.33 -22.42 -6.32
CA ALA E 211 40.54 -21.94 -5.69
C ALA E 211 40.40 -20.46 -5.37
N PHE E 212 40.76 -20.09 -4.15
CA PHE E 212 40.68 -18.71 -3.68
C PHE E 212 42.01 -18.30 -3.09
N THR E 213 42.16 -16.99 -2.86
CA THR E 213 43.39 -16.46 -2.31
C THR E 213 43.10 -15.16 -1.57
N LEU E 214 43.86 -14.90 -0.52
CA LEU E 214 43.80 -13.67 0.26
C LEU E 214 45.15 -12.99 0.21
N THR E 215 45.21 -11.82 -0.42
CA THR E 215 46.47 -11.10 -0.65
C THR E 215 46.54 -9.93 0.33
N ILE E 216 47.20 -10.16 1.46
CA ILE E 216 47.43 -9.08 2.42
C ILE E 216 48.64 -8.26 1.98
N SER E 217 48.49 -6.94 2.02
CA SER E 217 49.55 -6.02 1.64
C SER E 217 49.90 -5.13 2.81
N ARG E 218 51.19 -4.76 2.89
CA ARG E 218 51.70 -3.93 3.99
C ARG E 218 51.40 -4.56 5.34
N LEU E 219 51.99 -5.75 5.56
CA LEU E 219 51.73 -6.49 6.79
C LEU E 219 52.22 -5.72 8.01
N GLU E 220 51.37 -5.64 9.02
CA GLU E 220 51.66 -4.96 10.27
C GLU E 220 51.80 -5.98 11.39
N ALA E 221 52.23 -5.48 12.56
CA ALA E 221 52.39 -6.36 13.72
C ALA E 221 51.05 -6.85 14.24
N GLU E 222 50.01 -6.02 14.14
CA GLU E 222 48.70 -6.42 14.64
C GLU E 222 48.06 -7.48 13.74
N ASP E 223 48.42 -7.51 12.46
CA ASP E 223 47.84 -8.46 11.52
C ASP E 223 48.52 -9.82 11.62
N VAL E 224 48.33 -10.46 12.77
CA VAL E 224 48.89 -11.78 13.04
C VAL E 224 47.81 -12.66 13.65
N GLY E 225 47.99 -13.96 13.51
CA GLY E 225 47.06 -14.94 14.04
C GLY E 225 46.77 -16.00 13.00
N VAL E 226 45.69 -16.75 13.24
CA VAL E 226 45.28 -17.82 12.34
C VAL E 226 44.14 -17.31 11.46
N TYR E 227 44.29 -17.48 10.15
CA TYR E 227 43.30 -17.06 9.18
C TYR E 227 42.47 -18.26 8.75
N TYR E 228 41.16 -18.20 9.00
CA TYR E 228 40.24 -19.28 8.69
C TYR E 228 39.43 -18.94 7.45
N CYS E 229 38.72 -19.96 6.94
CA CYS E 229 37.85 -19.80 5.80
C CYS E 229 36.54 -20.54 6.06
N MET E 230 35.48 -20.09 5.41
CA MET E 230 34.17 -20.68 5.59
C MET E 230 33.36 -20.51 4.30
N GLN E 231 32.53 -21.51 4.03
CA GLN E 231 31.61 -21.49 2.90
C GLN E 231 30.18 -21.48 3.41
N HIS E 232 29.32 -20.72 2.73
CA HIS E 232 27.93 -20.58 3.14
C HIS E 232 26.96 -20.92 2.00
N LEU E 233 27.44 -21.69 1.02
CA LEU E 233 26.59 -22.07 -0.09
C LEU E 233 25.53 -23.03 0.41
N GLU E 234 25.97 -24.02 1.18
CA GLU E 234 25.04 -25.02 1.69
C GLU E 234 25.34 -25.40 3.13
N TYR E 235 24.35 -26.00 3.79
CA TYR E 235 24.53 -26.40 5.18
C TYR E 235 24.73 -27.91 5.26
N PRO E 236 25.75 -28.35 6.02
CA PRO E 236 26.31 -27.67 7.18
C PRO E 236 27.50 -26.79 6.82
N LEU E 237 27.61 -25.64 7.48
CA LEU E 237 28.73 -24.76 7.23
C LEU E 237 29.98 -25.47 7.66
N THR E 238 30.99 -25.45 6.81
CA THR E 238 32.23 -26.15 7.13
C THR E 238 33.40 -25.21 6.99
N PHE E 239 34.28 -25.23 7.98
CA PHE E 239 35.46 -24.38 7.94
C PHE E 239 36.63 -25.13 7.35
N GLY E 240 37.82 -24.53 7.42
CA GLY E 240 39.00 -25.14 6.88
C GLY E 240 40.10 -25.23 7.92
N ALA E 241 41.22 -25.83 7.52
CA ALA E 241 42.36 -25.97 8.43
C ALA E 241 42.94 -24.61 8.79
N GLY E 242 43.13 -23.74 7.80
CA GLY E 242 43.65 -22.42 8.04
C GLY E 242 45.16 -22.38 8.09
N THR E 243 45.71 -21.19 7.84
CA THR E 243 47.14 -20.95 7.85
C THR E 243 47.47 -19.94 8.94
N LYS E 244 48.40 -20.30 9.82
CA LYS E 244 48.80 -19.44 10.93
C LYS E 244 50.08 -18.70 10.56
N LEU E 245 49.96 -17.40 10.32
CA LEU E 245 51.11 -16.58 9.99
C LEU E 245 51.97 -16.35 11.23
N GLU E 246 53.29 -16.30 11.02
CA GLU E 246 54.23 -16.03 12.09
C GLU E 246 54.87 -14.67 11.87
N LEU E 247 55.32 -14.05 12.95
CA LEU E 247 55.90 -12.72 12.89
C LEU E 247 57.37 -12.74 13.32
#